data_3JS3
#
_entry.id   3JS3
#
_cell.length_a   60.472
_cell.length_b   139.619
_cell.length_c   66.774
_cell.angle_alpha   90.00
_cell.angle_beta   90.63
_cell.angle_gamma   90.00
#
_symmetry.space_group_name_H-M   'P 1 21 1'
#
loop_
_entity.id
_entity.type
_entity.pdbx_description
1 polymer '3-dehydroquinate dehydratase'
2 non-polymer 3-AMINO-4,5-DIHYDROXY-CYCLOHEX-1-ENECARBOXYLATE
3 water water
#
_entity_poly.entity_id   1
_entity_poly.type   'polypeptide(L)'
_entity_poly.pdbx_seq_one_letter_code
;SNAMKRKVQVKNITIGEGRPKICVPIIGKNKKDIIKEAKELKDACLDIIEWRVDFFENVENIKEVKEVLYELRSYIHDIP
LLFTFRSVVEGGEKLISRDYYTTLNKEISNTGLVDLIDVELFMGDEVIDEVVNFAHKKEVKVIISNHDFNKTPKKEEIVS
RLCRMQELGADLPKIAVMPQNEKDVLVLLEATNEMFKIYADRPIITMSMSGMGVISRLCGEIFGSALTFGAAKSVSAPGQ
ISFKELNSVLNLLHKSIN
;
_entity_poly.pdbx_strand_id   A,B,C,D
#
loop_
_chem_comp.id
_chem_comp.type
_chem_comp.name
_chem_comp.formula
DHS non-polymer 3-AMINO-4,5-DIHYDROXY-CYCLOHEX-1-ENECARBOXYLATE 'C7 H10 N O4 -1'
#
# COMPACT_ATOMS: atom_id res chain seq x y z
N MET A 4 -13.48 -22.10 21.84
CA MET A 4 -13.04 -22.22 23.26
C MET A 4 -12.84 -20.84 23.95
N LYS A 5 -12.56 -19.81 23.14
CA LYS A 5 -12.39 -18.44 23.65
C LYS A 5 -13.55 -17.58 23.21
N ARG A 6 -13.93 -16.61 24.05
CA ARG A 6 -15.02 -15.75 23.63
C ARG A 6 -14.50 -14.60 22.78
N LYS A 7 -15.39 -14.12 21.92
CA LYS A 7 -15.11 -13.00 21.04
C LYS A 7 -15.93 -11.82 21.51
N VAL A 8 -15.45 -10.63 21.18
CA VAL A 8 -16.10 -9.41 21.55
C VAL A 8 -16.65 -8.78 20.29
N GLN A 9 -17.96 -8.89 20.11
CA GLN A 9 -18.63 -8.32 18.96
C GLN A 9 -19.10 -6.90 19.28
N VAL A 10 -18.77 -5.95 18.40
CA VAL A 10 -19.26 -4.58 18.52
C VAL A 10 -19.70 -4.15 17.09
N LYS A 11 -21.03 -4.14 16.87
CA LYS A 11 -21.61 -3.83 15.56
C LYS A 11 -21.18 -4.88 14.54
N ASN A 12 -20.66 -4.47 13.39
CA ASN A 12 -20.23 -5.42 12.38
C ASN A 12 -18.81 -5.97 12.62
N ILE A 13 -18.17 -5.51 13.71
CA ILE A 13 -16.79 -5.91 14.01
C ILE A 13 -16.65 -6.95 15.14
N THR A 14 -15.88 -7.99 14.84
CA THR A 14 -15.65 -9.09 15.75
C THR A 14 -14.20 -9.06 16.24
N ILE A 15 -13.98 -8.52 17.44
CA ILE A 15 -12.64 -8.44 18.03
C ILE A 15 -12.26 -9.80 18.56
N GLY A 16 -11.08 -10.28 18.17
CA GLY A 16 -10.59 -11.57 18.62
C GLY A 16 -10.65 -12.63 17.56
N GLU A 17 -10.92 -12.22 16.33
CA GLU A 17 -11.02 -13.15 15.23
C GLU A 17 -10.45 -12.51 13.97
N GLY A 18 -9.73 -13.26 13.15
CA GLY A 18 -9.20 -12.72 11.90
C GLY A 18 -8.09 -11.71 12.09
N ARG A 19 -7.99 -10.72 11.20
CA ARG A 19 -6.92 -9.76 11.37
C ARG A 19 -7.20 -8.87 12.56
N PRO A 20 -6.13 -8.44 13.25
CA PRO A 20 -6.32 -7.51 14.37
C PRO A 20 -7.10 -6.27 13.90
N LYS A 21 -7.92 -5.70 14.79
CA LYS A 21 -8.75 -4.57 14.45
C LYS A 21 -8.03 -3.27 14.73
N ILE A 22 -8.11 -2.37 13.76
CA ILE A 22 -7.48 -1.07 13.88
C ILE A 22 -8.38 -0.08 14.58
N CYS A 23 -7.82 0.60 15.57
CA CYS A 23 -8.54 1.59 16.33
C CYS A 23 -7.86 2.93 16.12
N VAL A 24 -8.63 3.94 15.75
CA VAL A 24 -8.07 5.25 15.50
C VAL A 24 -8.58 6.23 16.55
N PRO A 25 -7.66 6.91 17.23
CA PRO A 25 -8.05 7.88 18.25
C PRO A 25 -8.50 9.22 17.71
N ILE A 26 -9.42 9.85 18.45
CA ILE A 26 -9.83 11.22 18.20
C ILE A 26 -9.25 11.96 19.41
N ILE A 27 -8.43 12.97 19.18
CA ILE A 27 -7.77 13.66 20.29
C ILE A 27 -7.94 15.19 20.29
N GLY A 28 -8.98 15.68 19.62
CA GLY A 28 -9.22 17.11 19.57
C GLY A 28 -9.41 17.73 20.94
N LYS A 29 -9.05 18.99 21.05
CA LYS A 29 -9.16 19.76 22.29
C LYS A 29 -10.51 20.47 22.39
N ASN A 30 -11.26 20.49 21.28
CA ASN A 30 -12.53 21.19 21.21
C ASN A 30 -13.49 20.58 20.19
N LYS A 31 -14.79 20.83 20.38
CA LYS A 31 -15.82 20.30 19.49
C LYS A 31 -15.52 20.49 18.02
N LYS A 32 -15.13 21.68 17.59
CA LYS A 32 -14.84 21.89 16.17
C LYS A 32 -13.80 20.92 15.61
N ASP A 33 -12.69 20.75 16.31
CA ASP A 33 -11.61 19.88 15.85
C ASP A 33 -12.02 18.40 15.92
N ILE A 34 -12.75 18.04 16.98
CA ILE A 34 -13.22 16.68 17.15
C ILE A 34 -14.15 16.30 16.01
N ILE A 35 -15.14 17.16 15.73
CA ILE A 35 -16.04 16.90 14.63
C ILE A 35 -15.24 16.90 13.32
N LYS A 36 -14.31 17.82 13.20
CA LYS A 36 -13.49 17.87 11.99
C LYS A 36 -12.75 16.52 11.88
N GLU A 37 -12.26 16.01 13.01
CA GLU A 37 -11.56 14.72 13.02
C GLU A 37 -12.47 13.57 12.61
N ALA A 38 -13.67 13.52 13.21
CA ALA A 38 -14.63 12.46 12.91
C ALA A 38 -15.03 12.47 11.44
N LYS A 39 -15.22 13.64 10.87
CA LYS A 39 -15.61 13.71 9.47
C LYS A 39 -14.54 13.09 8.56
N GLU A 40 -13.26 13.34 8.84
CA GLU A 40 -12.18 12.75 8.02
C GLU A 40 -12.04 11.24 8.13
N LEU A 41 -12.63 10.63 9.16
CA LEU A 41 -12.54 9.18 9.38
C LEU A 41 -13.78 8.37 8.95
N LYS A 42 -14.90 9.04 8.67
CA LYS A 42 -16.16 8.35 8.32
C LYS A 42 -16.00 7.24 7.27
N ASP A 43 -15.40 7.59 6.13
CA ASP A 43 -15.21 6.65 5.03
C ASP A 43 -13.78 6.13 4.92
N ALA A 44 -13.06 6.16 6.03
CA ALA A 44 -11.69 5.69 6.08
C ALA A 44 -11.68 4.21 6.42
N CYS A 45 -10.58 3.54 6.10
CA CYS A 45 -10.47 2.12 6.37
C CYS A 45 -9.98 1.89 7.79
N LEU A 46 -10.91 1.55 8.67
CA LEU A 46 -10.60 1.31 10.07
C LEU A 46 -11.74 0.52 10.68
N ASP A 47 -11.52 0.03 11.89
CA ASP A 47 -12.53 -0.78 12.55
C ASP A 47 -13.27 -0.11 13.72
N ILE A 48 -12.53 0.60 14.57
CA ILE A 48 -13.09 1.22 15.75
C ILE A 48 -12.51 2.60 15.90
N ILE A 49 -13.25 3.51 16.51
CA ILE A 49 -12.74 4.86 16.79
C ILE A 49 -12.72 5.00 18.30
N GLU A 50 -11.62 5.55 18.83
CA GLU A 50 -11.48 5.81 20.26
C GLU A 50 -11.56 7.31 20.51
N TRP A 51 -12.46 7.73 21.38
CA TRP A 51 -12.48 9.13 21.72
C TRP A 51 -11.66 9.32 23.01
N ARG A 52 -10.47 9.88 22.84
CA ARG A 52 -9.60 10.19 23.96
C ARG A 52 -10.07 11.50 24.56
N VAL A 53 -11.15 11.40 25.33
CA VAL A 53 -11.76 12.55 25.95
C VAL A 53 -10.87 13.35 26.90
N ASP A 54 -9.81 12.75 27.43
CA ASP A 54 -8.90 13.48 28.30
C ASP A 54 -8.33 14.70 27.60
N PHE A 55 -8.35 14.73 26.27
CA PHE A 55 -7.86 15.91 25.54
C PHE A 55 -8.89 17.05 25.45
N PHE A 56 -10.17 16.70 25.53
CA PHE A 56 -11.25 17.67 25.42
C PHE A 56 -11.17 18.71 26.52
N GLU A 57 -11.02 19.98 26.16
N GLU A 57 -11.05 19.98 26.12
CA GLU A 57 -10.85 21.05 27.16
CA GLU A 57 -10.92 21.12 27.03
C GLU A 57 -11.98 21.19 28.20
C GLU A 57 -11.97 21.17 28.15
N ASN A 58 -13.25 21.13 27.79
CA ASN A 58 -14.34 21.22 28.75
C ASN A 58 -14.75 19.86 29.27
N VAL A 59 -13.79 18.97 29.50
CA VAL A 59 -14.10 17.61 29.93
C VAL A 59 -14.74 17.53 31.32
N GLU A 60 -14.57 18.55 32.18
CA GLU A 60 -15.22 18.53 33.50
C GLU A 60 -16.73 18.88 33.42
N ASN A 61 -17.17 19.38 32.28
CA ASN A 61 -18.59 19.75 32.09
C ASN A 61 -19.26 18.59 31.34
N ILE A 62 -19.99 17.79 32.10
CA ILE A 62 -20.61 16.61 31.54
C ILE A 62 -21.60 16.93 30.38
N LYS A 63 -22.37 18.00 30.50
CA LYS A 63 -23.30 18.35 29.42
C LYS A 63 -22.58 18.65 28.13
N GLU A 64 -21.43 19.32 28.21
CA GLU A 64 -20.71 19.63 27.00
C GLU A 64 -20.05 18.40 26.42
N VAL A 65 -19.70 17.44 27.29
CA VAL A 65 -19.15 16.19 26.79
C VAL A 65 -20.23 15.42 26.02
N LYS A 66 -21.46 15.45 26.54
CA LYS A 66 -22.58 14.75 25.88
C LYS A 66 -22.87 15.40 24.55
N GLU A 67 -22.86 16.72 24.53
N GLU A 67 -22.85 16.74 24.52
CA GLU A 67 -23.11 17.49 23.32
CA GLU A 67 -23.10 17.49 23.29
C GLU A 67 -22.16 17.10 22.19
C GLU A 67 -22.18 17.03 22.20
N VAL A 68 -20.89 16.91 22.53
CA VAL A 68 -19.91 16.48 21.55
C VAL A 68 -20.23 15.04 21.14
N LEU A 69 -20.55 14.23 22.13
CA LEU A 69 -20.83 12.83 21.89
C LEU A 69 -22.00 12.65 20.94
N TYR A 70 -23.04 13.47 21.11
CA TYR A 70 -24.22 13.40 20.22
C TYR A 70 -23.80 13.67 18.80
N GLU A 71 -23.16 14.83 18.62
CA GLU A 71 -22.71 15.27 17.30
C GLU A 71 -21.74 14.29 16.68
N LEU A 72 -20.89 13.68 17.50
CA LEU A 72 -19.92 12.71 17.02
C LEU A 72 -20.59 11.44 16.51
N ARG A 73 -21.53 10.90 17.29
CA ARG A 73 -22.30 9.74 16.83
C ARG A 73 -23.06 9.99 15.55
N SER A 74 -23.54 11.21 15.36
CA SER A 74 -24.27 11.54 14.16
C SER A 74 -23.40 11.37 12.92
N TYR A 75 -22.11 11.67 13.04
CA TYR A 75 -21.20 11.54 11.89
C TYR A 75 -20.57 10.16 11.74
N ILE A 76 -20.49 9.42 12.84
CA ILE A 76 -19.88 8.09 12.85
C ILE A 76 -20.90 6.95 12.82
N HIS A 77 -22.17 7.34 12.94
CA HIS A 77 -23.33 6.45 13.06
C HIS A 77 -23.07 5.01 13.50
N ASP A 78 -22.65 4.12 12.62
CA ASP A 78 -22.44 2.72 13.05
C ASP A 78 -20.98 2.23 13.04
N ILE A 79 -20.06 3.08 13.47
CA ILE A 79 -18.67 2.69 13.64
C ILE A 79 -18.49 2.51 15.16
N PRO A 80 -17.98 1.34 15.57
CA PRO A 80 -17.80 1.09 17.01
C PRO A 80 -17.06 2.23 17.65
N LEU A 81 -17.48 2.68 18.80
CA LEU A 81 -16.82 3.79 19.46
C LEU A 81 -16.40 3.47 20.88
N LEU A 82 -15.09 3.56 21.11
CA LEU A 82 -14.50 3.37 22.43
C LEU A 82 -14.39 4.74 23.13
N PHE A 83 -14.82 4.83 24.37
CA PHE A 83 -14.70 6.09 25.14
C PHE A 83 -13.61 5.87 26.19
N THR A 84 -12.61 6.73 26.20
CA THR A 84 -11.48 6.61 27.11
C THR A 84 -11.05 7.94 27.74
N PHE A 85 -11.06 8.01 29.06
CA PHE A 85 -10.44 9.14 29.73
C PHE A 85 -9.12 8.53 30.25
N ARG A 86 -8.00 8.92 29.65
CA ARG A 86 -6.70 8.42 30.08
C ARG A 86 -6.20 9.30 31.22
N SER A 87 -6.04 8.74 32.43
CA SER A 87 -5.62 9.57 33.59
C SER A 87 -4.13 9.92 33.58
N VAL A 88 -3.77 10.90 34.41
CA VAL A 88 -2.40 11.41 34.51
C VAL A 88 -1.36 10.36 34.86
N VAL A 89 -1.70 9.47 35.80
CA VAL A 89 -0.77 8.42 36.19
C VAL A 89 -0.41 7.52 34.98
N GLU A 90 -1.33 7.40 34.02
CA GLU A 90 -1.07 6.54 32.86
C GLU A 90 -0.93 7.26 31.52
N GLY A 91 -0.38 8.48 31.56
CA GLY A 91 -0.10 9.24 30.36
C GLY A 91 -1.05 10.34 29.98
N GLY A 92 -2.10 10.55 30.77
CA GLY A 92 -3.04 11.62 30.50
C GLY A 92 -2.43 12.97 30.86
N GLU A 93 -3.08 14.06 30.48
CA GLU A 93 -2.61 15.43 30.77
C GLU A 93 -3.58 16.18 31.69
N LYS A 94 -4.85 15.80 31.66
CA LYS A 94 -5.86 16.41 32.51
C LYS A 94 -6.06 15.63 33.80
N LEU A 95 -5.96 16.35 34.90
CA LEU A 95 -6.13 15.81 36.21
C LEU A 95 -7.60 15.98 36.61
N ILE A 96 -8.20 14.93 37.15
CA ILE A 96 -9.58 14.98 37.61
C ILE A 96 -9.77 14.06 38.80
N SER A 97 -10.85 14.30 39.51
CA SER A 97 -11.22 13.51 40.65
C SER A 97 -11.51 12.07 40.27
N ARG A 98 -11.36 11.16 41.23
N ARG A 98 -11.36 11.19 41.26
CA ARG A 98 -11.68 9.77 40.99
CA ARG A 98 -11.63 9.76 41.12
C ARG A 98 -13.18 9.57 41.04
C ARG A 98 -13.15 9.56 41.11
N ASP A 99 -13.85 10.40 41.85
CA ASP A 99 -15.28 10.32 41.96
C ASP A 99 -15.87 10.78 40.62
N TYR A 100 -15.25 11.77 39.99
CA TYR A 100 -15.72 12.29 38.69
C TYR A 100 -15.36 11.37 37.53
N TYR A 101 -14.21 10.68 37.63
CA TYR A 101 -13.83 9.73 36.61
C TYR A 101 -14.92 8.66 36.49
N THR A 102 -15.48 8.28 37.62
CA THR A 102 -16.53 7.28 37.68
C THR A 102 -17.84 7.80 37.08
N THR A 103 -18.18 9.04 37.43
CA THR A 103 -19.39 9.72 36.97
C THR A 103 -19.36 9.97 35.47
N LEU A 104 -18.21 10.38 34.95
CA LEU A 104 -18.04 10.61 33.52
C LEU A 104 -18.30 9.29 32.79
N ASN A 105 -17.62 8.23 33.21
CA ASN A 105 -17.79 6.93 32.57
C ASN A 105 -19.21 6.35 32.72
N LYS A 106 -19.83 6.55 33.86
CA LYS A 106 -21.18 6.03 34.06
C LYS A 106 -22.19 6.79 33.19
N GLU A 107 -22.16 8.11 33.28
CA GLU A 107 -23.08 8.95 32.51
C GLU A 107 -22.92 8.73 31.02
N ILE A 108 -21.67 8.62 30.56
CA ILE A 108 -21.43 8.40 29.14
C ILE A 108 -21.89 6.98 28.77
N SER A 109 -21.64 5.99 29.63
CA SER A 109 -22.12 4.63 29.37
C SER A 109 -23.65 4.61 29.27
N ASN A 110 -24.31 5.39 30.14
CA ASN A 110 -25.77 5.43 30.20
C ASN A 110 -26.43 6.00 28.93
N THR A 111 -25.68 6.71 28.10
CA THR A 111 -26.26 7.32 26.91
C THR A 111 -26.68 6.31 25.82
N GLY A 112 -26.03 5.16 25.83
CA GLY A 112 -26.28 4.13 24.83
C GLY A 112 -25.47 4.42 23.57
N LEU A 113 -24.72 5.53 23.59
CA LEU A 113 -23.94 5.96 22.43
C LEU A 113 -22.52 5.38 22.30
N VAL A 114 -21.94 4.84 23.37
CA VAL A 114 -20.58 4.25 23.26
C VAL A 114 -20.73 2.72 23.26
N ASP A 115 -19.86 2.06 22.51
CA ASP A 115 -19.89 0.59 22.40
C ASP A 115 -18.89 -0.02 23.33
N LEU A 116 -17.81 0.71 23.60
CA LEU A 116 -16.80 0.21 24.53
C LEU A 116 -16.36 1.34 25.46
N ILE A 117 -15.88 0.97 26.66
CA ILE A 117 -15.37 1.93 27.57
C ILE A 117 -14.06 1.42 28.20
N ASP A 118 -13.13 2.34 28.42
CA ASP A 118 -11.84 1.97 29.00
C ASP A 118 -11.84 2.36 30.47
N VAL A 119 -11.40 1.42 31.30
N VAL A 119 -11.41 1.43 31.32
CA VAL A 119 -11.30 1.66 32.74
CA VAL A 119 -11.31 1.71 32.75
C VAL A 119 -9.91 1.22 33.17
C VAL A 119 -9.93 1.23 33.19
N GLU A 120 -9.22 2.08 33.92
CA GLU A 120 -7.84 1.79 34.35
C GLU A 120 -7.74 0.90 35.58
N LEU A 121 -6.96 -0.17 35.45
CA LEU A 121 -6.77 -1.15 36.51
C LEU A 121 -6.41 -0.53 37.85
N PHE A 122 -5.36 0.28 37.88
CA PHE A 122 -4.96 0.89 39.14
C PHE A 122 -6.07 1.66 39.81
N MET A 123 -7.04 2.15 39.05
CA MET A 123 -8.12 2.95 39.60
C MET A 123 -8.80 2.22 40.79
N GLY A 124 -8.74 0.87 40.80
CA GLY A 124 -9.26 0.07 41.92
C GLY A 124 -10.52 -0.78 41.75
N ASP A 125 -10.64 -1.82 42.61
CA ASP A 125 -11.79 -2.72 42.59
C ASP A 125 -13.08 -1.97 42.80
N GLU A 126 -13.06 -0.95 43.68
CA GLU A 126 -14.27 -0.17 43.95
C GLU A 126 -14.74 0.55 42.69
N VAL A 127 -13.84 1.29 42.06
CA VAL A 127 -14.14 2.01 40.82
C VAL A 127 -14.45 1.05 39.68
N ILE A 128 -13.62 0.03 39.51
CA ILE A 128 -13.81 -0.92 38.42
C ILE A 128 -15.12 -1.69 38.47
N ASP A 129 -15.46 -2.21 39.64
CA ASP A 129 -16.67 -3.01 39.77
C ASP A 129 -17.93 -2.19 39.43
N GLU A 130 -17.95 -0.92 39.81
CA GLU A 130 -19.11 -0.07 39.56
C GLU A 130 -19.22 0.31 38.08
N VAL A 131 -18.09 0.61 37.46
CA VAL A 131 -18.08 0.98 36.05
C VAL A 131 -18.45 -0.24 35.20
N VAL A 132 -17.86 -1.40 35.51
CA VAL A 132 -18.13 -2.64 34.78
C VAL A 132 -19.57 -3.10 34.90
N ASN A 133 -20.09 -3.16 36.13
CA ASN A 133 -21.47 -3.59 36.33
C ASN A 133 -22.44 -2.70 35.59
N PHE A 134 -22.19 -1.40 35.58
CA PHE A 134 -23.07 -0.46 34.92
C PHE A 134 -22.89 -0.46 33.39
N ALA A 135 -21.70 -0.78 32.91
CA ALA A 135 -21.47 -0.85 31.46
C ALA A 135 -22.18 -2.07 30.88
N HIS A 136 -22.16 -3.20 31.59
CA HIS A 136 -22.83 -4.40 31.07
C HIS A 136 -24.37 -4.25 31.09
N LYS A 137 -24.87 -3.40 31.98
CA LYS A 137 -26.28 -3.05 32.02
C LYS A 137 -26.73 -2.53 30.65
N LYS A 138 -25.88 -1.71 30.03
CA LYS A 138 -26.15 -1.10 28.74
C LYS A 138 -25.45 -1.80 27.57
N GLU A 139 -25.01 -3.05 27.76
CA GLU A 139 -24.31 -3.80 26.71
C GLU A 139 -23.03 -3.10 26.18
N VAL A 140 -22.31 -2.43 27.07
CA VAL A 140 -21.09 -1.75 26.72
C VAL A 140 -19.94 -2.70 27.07
N LYS A 141 -18.98 -2.82 26.18
CA LYS A 141 -17.85 -3.69 26.40
C LYS A 141 -16.80 -2.91 27.13
N VAL A 142 -16.07 -3.57 28.02
CA VAL A 142 -15.09 -2.87 28.82
C VAL A 142 -13.63 -3.29 28.61
N ILE A 143 -12.79 -2.29 28.41
CA ILE A 143 -11.38 -2.51 28.35
C ILE A 143 -10.92 -2.12 29.72
N ILE A 144 -10.15 -2.99 30.39
CA ILE A 144 -9.49 -2.63 31.64
C ILE A 144 -8.04 -2.47 31.18
N SER A 145 -7.46 -1.31 31.46
CA SER A 145 -6.17 -0.99 30.92
C SER A 145 -5.08 -0.69 31.93
N ASN A 146 -3.85 -0.99 31.52
CA ASN A 146 -2.70 -0.73 32.36
C ASN A 146 -1.53 -0.34 31.50
N HIS A 147 -0.86 0.75 31.88
CA HIS A 147 0.26 1.28 31.12
C HIS A 147 1.47 1.49 32.03
N ASP A 148 2.65 1.17 31.53
CA ASP A 148 3.88 1.40 32.27
C ASP A 148 4.78 2.10 31.30
N PHE A 149 4.99 3.41 31.50
CA PHE A 149 5.86 4.24 30.62
C PHE A 149 7.37 4.24 30.95
N ASN A 150 7.80 3.49 31.96
CA ASN A 150 9.22 3.46 32.31
C ASN A 150 9.90 2.10 32.15
N LYS A 151 9.11 1.05 32.28
CA LYS A 151 9.62 -0.32 32.31
C LYS A 151 8.70 -1.32 31.63
N THR A 152 9.27 -2.48 31.32
CA THR A 152 8.56 -3.61 30.79
C THR A 152 8.65 -4.66 31.88
N PRO A 153 7.53 -4.94 32.57
CA PRO A 153 7.64 -5.96 33.60
C PRO A 153 8.00 -7.32 33.01
N LYS A 154 8.46 -8.23 33.86
CA LYS A 154 8.84 -9.58 33.44
C LYS A 154 7.61 -10.26 32.87
N LYS A 155 7.78 -11.26 31.99
CA LYS A 155 6.63 -11.90 31.34
C LYS A 155 5.57 -12.39 32.32
N GLU A 156 6.04 -13.04 33.37
CA GLU A 156 5.17 -13.59 34.43
C GLU A 156 4.30 -12.49 35.02
N GLU A 157 4.88 -11.30 35.24
N GLU A 157 4.87 -11.31 35.23
CA GLU A 157 4.17 -10.17 35.83
CA GLU A 157 4.15 -10.20 35.84
C GLU A 157 3.13 -9.65 34.84
C GLU A 157 3.14 -9.61 34.85
N ILE A 158 3.50 -9.59 33.57
CA ILE A 158 2.58 -9.10 32.51
C ILE A 158 1.37 -10.05 32.47
N VAL A 159 1.63 -11.36 32.39
CA VAL A 159 0.59 -12.40 32.38
C VAL A 159 -0.31 -12.27 33.62
N SER A 160 0.30 -12.07 34.77
CA SER A 160 -0.43 -11.90 35.99
C SER A 160 -1.39 -10.70 35.91
N ARG A 161 -0.95 -9.58 35.35
CA ARG A 161 -1.84 -8.43 35.21
C ARG A 161 -2.98 -8.74 34.25
N LEU A 162 -2.67 -9.34 33.10
CA LEU A 162 -3.75 -9.64 32.14
C LEU A 162 -4.76 -10.59 32.79
N CYS A 163 -4.29 -11.51 33.62
CA CYS A 163 -5.19 -12.45 34.31
C CYS A 163 -6.11 -11.75 35.31
N ARG A 164 -5.55 -10.83 36.10
CA ARG A 164 -6.32 -10.06 37.09
C ARG A 164 -7.40 -9.28 36.35
N MET A 165 -7.03 -8.65 35.24
CA MET A 165 -8.00 -7.89 34.44
C MET A 165 -9.16 -8.78 34.01
N GLN A 166 -8.84 -10.03 33.71
CA GLN A 166 -9.81 -11.00 33.28
C GLN A 166 -10.75 -11.30 34.46
N GLU A 167 -10.16 -11.50 35.64
CA GLU A 167 -10.96 -11.78 36.85
C GLU A 167 -11.91 -10.62 37.17
N LEU A 168 -11.47 -9.40 36.89
CA LEU A 168 -12.30 -8.21 37.13
C LEU A 168 -13.46 -8.04 36.12
N GLY A 169 -13.64 -9.01 35.23
CA GLY A 169 -14.72 -8.98 34.24
C GLY A 169 -14.42 -8.20 32.95
N ALA A 170 -13.15 -7.88 32.71
CA ALA A 170 -12.78 -7.14 31.50
C ALA A 170 -13.15 -7.92 30.28
N ASP A 171 -13.89 -7.31 29.37
CA ASP A 171 -14.18 -7.96 28.11
C ASP A 171 -12.90 -8.05 27.29
N LEU A 172 -11.99 -7.09 27.51
CA LEU A 172 -10.70 -6.99 26.81
C LEU A 172 -9.58 -6.44 27.70
N PRO A 173 -8.75 -7.33 28.29
CA PRO A 173 -7.64 -6.80 29.05
C PRO A 173 -6.67 -6.07 28.10
N LYS A 174 -6.10 -4.97 28.56
CA LYS A 174 -5.17 -4.21 27.74
C LYS A 174 -3.96 -3.80 28.57
N ILE A 175 -2.76 -4.06 28.04
CA ILE A 175 -1.57 -3.63 28.72
C ILE A 175 -0.57 -3.03 27.71
N ALA A 176 -0.06 -1.85 28.03
CA ALA A 176 0.97 -1.19 27.24
C ALA A 176 2.22 -1.06 28.14
N VAL A 177 3.37 -1.45 27.64
CA VAL A 177 4.62 -1.37 28.41
C VAL A 177 5.71 -0.66 27.60
N MET A 178 6.75 -0.19 28.28
CA MET A 178 7.84 0.53 27.65
C MET A 178 9.14 -0.28 27.70
N PRO A 179 9.75 -0.48 26.51
CA PRO A 179 10.99 -1.22 26.51
C PRO A 179 12.16 -0.30 26.74
N GLN A 180 13.17 -0.83 27.39
CA GLN A 180 14.40 -0.11 27.65
C GLN A 180 15.46 -0.76 26.79
N ASN A 181 15.08 -1.88 26.15
CA ASN A 181 15.96 -2.64 25.26
C ASN A 181 15.14 -3.55 24.34
N GLU A 182 15.82 -4.12 23.35
CA GLU A 182 15.17 -4.94 22.34
C GLU A 182 14.54 -6.20 22.94
N LYS A 183 15.22 -6.81 23.87
CA LYS A 183 14.71 -7.99 24.53
C LYS A 183 13.37 -7.73 25.26
N ASP A 184 13.20 -6.53 25.81
CA ASP A 184 11.97 -6.17 26.50
C ASP A 184 10.80 -6.27 25.53
N VAL A 185 11.05 -5.94 24.27
CA VAL A 185 10.02 -6.02 23.27
C VAL A 185 9.59 -7.47 23.08
N LEU A 186 10.54 -8.38 23.05
CA LEU A 186 10.28 -9.81 22.88
C LEU A 186 9.59 -10.37 24.14
N VAL A 187 9.99 -9.87 25.31
CA VAL A 187 9.34 -10.28 26.54
C VAL A 187 7.81 -9.99 26.43
N LEU A 188 7.42 -8.80 25.94
CA LEU A 188 6.01 -8.40 25.75
C LEU A 188 5.31 -9.36 24.79
N LEU A 189 5.94 -9.65 23.67
CA LEU A 189 5.39 -10.59 22.72
C LEU A 189 5.27 -11.99 23.35
N GLU A 190 6.30 -12.40 24.08
CA GLU A 190 6.28 -13.69 24.73
C GLU A 190 5.11 -13.82 25.71
N ALA A 191 4.90 -12.79 26.53
CA ALA A 191 3.83 -12.81 27.50
C ALA A 191 2.49 -12.80 26.79
N THR A 192 2.39 -12.05 25.70
CA THR A 192 1.16 -11.95 24.90
C THR A 192 0.74 -13.34 24.36
N ASN A 193 1.68 -14.08 23.80
CA ASN A 193 1.34 -15.36 23.23
C ASN A 193 1.06 -16.45 24.31
N GLU A 194 1.79 -16.40 25.41
CA GLU A 194 1.57 -17.32 26.51
C GLU A 194 0.15 -17.05 27.01
N MET A 195 -0.21 -15.79 27.14
CA MET A 195 -1.54 -15.43 27.59
C MET A 195 -2.55 -15.95 26.58
N PHE A 196 -2.32 -15.60 25.32
CA PHE A 196 -3.19 -16.00 24.22
C PHE A 196 -3.39 -17.49 24.12
N LYS A 197 -2.33 -18.27 24.29
CA LYS A 197 -2.44 -19.73 24.15
C LYS A 197 -2.84 -20.54 25.38
N ILE A 198 -2.33 -20.15 26.54
CA ILE A 198 -2.53 -20.92 27.76
C ILE A 198 -3.55 -20.35 28.78
N TYR A 199 -3.41 -19.08 29.14
CA TYR A 199 -4.27 -18.46 30.17
C TYR A 199 -5.45 -17.62 29.67
N ALA A 200 -5.33 -16.99 28.50
CA ALA A 200 -6.42 -16.14 27.98
C ALA A 200 -7.70 -16.89 27.72
N ASP A 201 -8.81 -16.26 28.10
CA ASP A 201 -10.15 -16.80 27.95
C ASP A 201 -10.97 -15.94 26.98
N ARG A 202 -10.40 -14.80 26.58
CA ARG A 202 -11.04 -13.91 25.63
C ARG A 202 -9.95 -13.09 24.94
N PRO A 203 -10.32 -12.16 24.06
CA PRO A 203 -9.27 -11.39 23.40
C PRO A 203 -8.56 -10.44 24.35
N ILE A 204 -7.29 -10.17 24.06
CA ILE A 204 -6.46 -9.28 24.85
C ILE A 204 -5.84 -8.28 23.91
N ILE A 205 -5.42 -7.15 24.47
CA ILE A 205 -4.79 -6.10 23.69
C ILE A 205 -3.44 -5.82 24.35
N THR A 206 -2.34 -5.88 23.60
CA THR A 206 -1.04 -5.60 24.18
C THR A 206 -0.17 -4.83 23.21
N MET A 207 0.71 -4.03 23.75
CA MET A 207 1.65 -3.29 22.94
C MET A 207 2.92 -2.93 23.70
N SER A 208 4.01 -2.88 22.95
CA SER A 208 5.30 -2.44 23.46
C SER A 208 5.41 -1.06 22.81
N MET A 209 5.49 -0.03 23.65
CA MET A 209 5.56 1.36 23.20
C MET A 209 6.91 1.82 22.58
N SER A 210 6.84 3.00 21.97
CA SER A 210 7.96 3.68 21.30
C SER A 210 8.36 3.00 20.00
N GLY A 211 9.25 3.68 19.26
CA GLY A 211 9.75 3.18 17.99
C GLY A 211 10.34 1.79 18.08
N MET A 212 11.01 1.50 19.19
CA MET A 212 11.64 0.18 19.37
C MET A 212 10.64 -0.98 19.41
N GLY A 213 9.49 -0.75 20.00
CA GLY A 213 8.48 -1.80 20.11
C GLY A 213 7.38 -1.81 19.07
N VAL A 214 7.52 -1.02 18.01
CA VAL A 214 6.52 -0.93 16.95
C VAL A 214 6.13 -2.27 16.36
N ILE A 215 7.04 -3.23 16.35
CA ILE A 215 6.71 -4.53 15.82
C ILE A 215 5.50 -5.10 16.54
N SER A 216 5.35 -4.78 17.84
CA SER A 216 4.24 -5.33 18.63
C SER A 216 2.87 -4.85 18.17
N ARG A 217 2.86 -3.80 17.34
CA ARG A 217 1.64 -3.19 16.86
C ARG A 217 1.21 -3.79 15.53
N LEU A 218 2.14 -4.50 14.90
CA LEU A 218 1.92 -5.09 13.62
C LEU A 218 1.68 -6.57 13.59
N CYS A 219 2.22 -7.29 14.55
CA CYS A 219 2.22 -8.74 14.48
C CYS A 219 1.17 -9.39 15.36
N GLY A 220 0.10 -8.68 15.64
CA GLY A 220 -0.91 -9.22 16.51
C GLY A 220 -1.51 -10.51 16.04
N GLU A 221 -1.59 -10.69 14.72
CA GLU A 221 -2.25 -11.88 14.20
C GLU A 221 -1.49 -13.15 14.56
N ILE A 222 -0.17 -13.09 14.54
CA ILE A 222 0.60 -14.27 14.96
C ILE A 222 0.69 -14.39 16.49
N PHE A 223 0.96 -13.28 17.16
CA PHE A 223 1.21 -13.33 18.59
C PHE A 223 0.05 -13.25 19.58
N GLY A 224 -1.10 -12.73 19.14
CA GLY A 224 -2.28 -12.70 20.01
C GLY A 224 -3.02 -11.39 20.31
N SER A 225 -2.40 -10.24 20.08
CA SER A 225 -3.09 -8.96 20.35
C SER A 225 -4.22 -8.77 19.32
N ALA A 226 -5.45 -8.62 19.81
CA ALA A 226 -6.68 -8.55 18.96
C ALA A 226 -6.99 -7.15 18.37
N LEU A 227 -6.27 -6.15 18.86
CA LEU A 227 -6.50 -4.78 18.48
C LEU A 227 -5.21 -3.96 18.53
N THR A 228 -5.07 -3.10 17.54
CA THR A 228 -3.91 -2.27 17.43
C THR A 228 -4.36 -0.85 17.14
N PHE A 229 -3.68 0.12 17.75
CA PHE A 229 -4.01 1.57 17.58
C PHE A 229 -3.15 2.26 16.52
N GLY A 230 -3.79 2.98 15.62
CA GLY A 230 -3.11 3.69 14.55
C GLY A 230 -3.54 5.14 14.63
N ALA A 231 -2.64 6.04 14.29
CA ALA A 231 -2.91 7.49 14.40
C ALA A 231 -3.38 8.13 13.09
N ALA A 232 -4.21 9.17 13.20
CA ALA A 232 -4.69 9.87 12.04
C ALA A 232 -3.65 10.94 11.63
N LYS A 233 -3.52 11.98 12.45
CA LYS A 233 -2.60 13.08 12.23
C LYS A 233 -1.47 13.08 13.25
N SER A 234 -1.83 12.94 14.53
CA SER A 234 -0.85 12.91 15.61
C SER A 234 -1.10 11.71 16.53
N VAL A 235 -0.02 11.31 17.19
CA VAL A 235 0.02 10.17 18.12
C VAL A 235 -0.75 10.32 19.45
N SER A 236 -1.40 9.25 19.91
CA SER A 236 -2.10 9.25 21.21
C SER A 236 -1.26 8.46 22.23
N ALA A 237 -0.27 7.73 21.73
CA ALA A 237 0.67 6.98 22.57
C ALA A 237 1.97 6.82 21.75
N PRO A 238 3.12 6.83 22.43
CA PRO A 238 4.36 6.73 21.65
C PRO A 238 4.54 5.41 20.87
N GLY A 239 4.89 5.55 19.59
CA GLY A 239 5.16 4.41 18.73
C GLY A 239 4.09 4.07 17.70
N GLN A 240 2.89 4.59 17.86
CA GLN A 240 1.86 4.30 16.86
C GLN A 240 2.25 4.95 15.53
N ILE A 241 2.01 4.21 14.44
CA ILE A 241 2.26 4.72 13.07
C ILE A 241 0.91 5.16 12.51
N SER A 242 0.88 5.74 11.32
CA SER A 242 -0.38 6.22 10.75
C SER A 242 -1.30 5.02 10.52
N PHE A 243 -2.58 5.20 10.81
CA PHE A 243 -3.53 4.09 10.67
C PHE A 243 -3.57 3.52 9.25
N LYS A 244 -3.39 4.36 8.23
CA LYS A 244 -3.40 3.92 6.82
C LYS A 244 -2.25 2.94 6.54
N GLU A 245 -1.05 3.26 7.03
CA GLU A 245 0.11 2.36 6.83
C GLU A 245 -0.08 1.09 7.68
N LEU A 246 -0.66 1.24 8.87
CA LEU A 246 -0.95 0.09 9.71
C LEU A 246 -1.90 -0.86 8.95
N ASN A 247 -2.90 -0.30 8.27
CA ASN A 247 -3.86 -1.13 7.53
C ASN A 247 -3.17 -1.93 6.43
N SER A 248 -2.26 -1.32 5.67
CA SER A 248 -1.59 -2.08 4.61
C SER A 248 -0.67 -3.14 5.20
N VAL A 249 0.03 -2.82 6.27
CA VAL A 249 0.90 -3.85 6.91
C VAL A 249 0.09 -5.00 7.49
N LEU A 250 -1.02 -4.73 8.17
CA LEU A 250 -1.84 -5.83 8.70
C LEU A 250 -2.36 -6.72 7.57
N ASN A 251 -2.78 -6.12 6.44
CA ASN A 251 -3.30 -6.88 5.28
C ASN A 251 -2.23 -7.75 4.65
N LEU A 252 -1.02 -7.20 4.52
CA LEU A 252 0.12 -7.92 4.00
C LEU A 252 0.42 -9.13 4.86
N LEU A 253 0.31 -8.99 6.18
CA LEU A 253 0.57 -10.12 7.09
C LEU A 253 -0.59 -11.11 7.19
N HIS A 254 -1.79 -10.68 6.80
CA HIS A 254 -2.95 -11.54 6.88
C HIS A 254 -2.85 -12.65 5.82
N LYS A 255 -2.26 -12.31 4.67
CA LYS A 255 -2.04 -13.26 3.59
C LYS A 255 -0.63 -13.90 3.56
N SER A 256 0.14 -13.76 4.65
CA SER A 256 1.48 -14.37 4.72
C SER A 256 1.47 -15.49 5.76
N MET B 4 32.35 1.28 17.07
CA MET B 4 31.43 0.88 15.97
C MET B 4 32.08 -0.29 15.23
N LYS B 5 31.29 -1.03 14.45
CA LYS B 5 31.76 -2.22 13.73
C LYS B 5 31.76 -2.15 12.20
N ARG B 6 32.26 -3.22 11.58
CA ARG B 6 32.37 -3.32 10.12
C ARG B 6 31.05 -3.33 9.36
N LYS B 7 31.13 -2.84 8.13
CA LYS B 7 30.03 -2.79 7.21
C LYS B 7 30.55 -3.41 5.93
N VAL B 8 29.67 -3.95 5.10
CA VAL B 8 30.04 -4.58 3.85
C VAL B 8 29.57 -3.76 2.68
N GLN B 9 30.51 -3.20 1.93
CA GLN B 9 30.20 -2.35 0.79
C GLN B 9 30.28 -3.15 -0.50
N VAL B 10 29.19 -3.14 -1.26
CA VAL B 10 29.12 -3.79 -2.57
C VAL B 10 28.50 -2.76 -3.51
N LYS B 11 29.36 -2.15 -4.33
CA LYS B 11 28.95 -1.08 -5.26
C LYS B 11 28.34 0.13 -4.50
N ASN B 12 27.16 0.58 -4.89
CA ASN B 12 26.49 1.72 -4.25
C ASN B 12 25.72 1.37 -2.96
N ILE B 13 25.66 0.07 -2.66
CA ILE B 13 24.96 -0.44 -1.48
C ILE B 13 25.89 -0.65 -0.28
N THR B 14 25.52 -0.03 0.85
CA THR B 14 26.26 -0.20 2.09
C THR B 14 25.42 -1.10 3.03
N ILE B 15 25.82 -2.36 3.17
CA ILE B 15 25.10 -3.33 4.01
C ILE B 15 25.52 -3.10 5.42
N GLY B 16 24.55 -3.06 6.32
CA GLY B 16 24.81 -2.83 7.75
C GLY B 16 24.63 -1.39 8.17
N GLU B 17 23.96 -0.59 7.34
CA GLU B 17 23.74 0.84 7.63
C GLU B 17 22.37 1.26 7.15
N GLY B 18 21.65 1.95 8.02
CA GLY B 18 20.29 2.41 7.71
C GLY B 18 19.35 1.22 7.58
N ARG B 19 18.51 1.27 6.55
CA ARG B 19 17.55 0.23 6.25
C ARG B 19 18.19 -1.11 6.03
N PRO B 20 17.53 -2.18 6.48
CA PRO B 20 18.03 -3.47 6.06
C PRO B 20 17.96 -3.46 4.54
N LYS B 21 18.85 -4.16 3.88
CA LYS B 21 18.87 -4.20 2.42
C LYS B 21 17.99 -5.30 1.89
N ILE B 22 17.41 -5.08 0.73
CA ILE B 22 16.49 -6.02 0.14
C ILE B 22 17.16 -6.82 -0.94
N CYS B 23 17.10 -8.13 -0.82
CA CYS B 23 17.66 -9.01 -1.81
C CYS B 23 16.55 -9.81 -2.44
N VAL B 24 16.55 -9.88 -3.77
CA VAL B 24 15.54 -10.64 -4.50
C VAL B 24 16.19 -11.76 -5.32
N PRO B 25 15.66 -12.96 -5.24
CA PRO B 25 16.27 -13.99 -6.02
C PRO B 25 15.67 -14.23 -7.40
N ILE B 26 16.55 -14.59 -8.32
CA ILE B 26 16.17 -15.00 -9.65
C ILE B 26 16.24 -16.54 -9.57
N ILE B 27 15.16 -17.22 -9.95
CA ILE B 27 15.10 -18.67 -9.83
C ILE B 27 14.80 -19.37 -11.15
N GLY B 28 15.03 -18.68 -12.27
CA GLY B 28 14.73 -19.28 -13.59
C GLY B 28 15.50 -20.55 -13.92
N LYS B 29 14.88 -21.41 -14.72
CA LYS B 29 15.47 -22.70 -15.14
C LYS B 29 16.39 -22.61 -16.38
N ASN B 30 16.08 -21.72 -17.31
CA ASN B 30 16.88 -21.55 -18.51
C ASN B 30 17.29 -20.09 -18.70
N LYS B 31 18.17 -19.85 -19.66
CA LYS B 31 18.72 -18.52 -19.95
C LYS B 31 17.63 -17.47 -20.18
N LYS B 32 16.72 -17.72 -21.12
CA LYS B 32 15.65 -16.78 -21.47
C LYS B 32 14.87 -16.35 -20.25
N ASP B 33 14.51 -17.32 -19.40
CA ASP B 33 13.72 -17.03 -18.20
C ASP B 33 14.51 -16.20 -17.19
N ILE B 34 15.78 -16.54 -17.04
CA ILE B 34 16.65 -15.83 -16.12
C ILE B 34 16.74 -14.35 -16.53
N ILE B 35 16.98 -14.11 -17.82
CA ILE B 35 17.05 -12.76 -18.36
C ILE B 35 15.67 -12.10 -18.29
N LYS B 36 14.63 -12.89 -18.51
CA LYS B 36 13.28 -12.36 -18.40
C LYS B 36 13.11 -11.80 -16.97
N GLU B 37 13.62 -12.54 -15.97
CA GLU B 37 13.49 -12.08 -14.58
C GLU B 37 14.37 -10.86 -14.29
N ALA B 38 15.59 -10.85 -14.83
CA ALA B 38 16.52 -9.76 -14.62
C ALA B 38 15.97 -8.44 -15.12
N LYS B 39 15.36 -8.45 -16.30
CA LYS B 39 14.80 -7.21 -16.86
C LYS B 39 13.69 -6.64 -15.98
N GLU B 40 12.99 -7.50 -15.27
CA GLU B 40 11.90 -7.08 -14.41
C GLU B 40 12.42 -6.48 -13.08
N LEU B 41 13.65 -6.84 -12.69
CA LEU B 41 14.26 -6.34 -11.46
C LEU B 41 15.26 -5.23 -11.70
N LYS B 42 15.55 -4.96 -12.97
CA LYS B 42 16.55 -3.96 -13.38
C LYS B 42 16.43 -2.61 -12.67
N ASP B 43 15.29 -1.96 -12.83
CA ASP B 43 15.04 -0.66 -12.21
C ASP B 43 13.97 -0.78 -11.11
N ALA B 44 13.98 -1.88 -10.39
CA ALA B 44 13.03 -2.06 -9.32
C ALA B 44 13.66 -1.55 -8.04
N CYS B 45 12.81 -1.24 -7.05
CA CYS B 45 13.24 -0.74 -5.75
C CYS B 45 13.71 -1.91 -4.87
N LEU B 46 14.91 -2.41 -5.19
CA LEU B 46 15.56 -3.47 -4.46
C LEU B 46 17.01 -3.03 -4.38
N ASP B 47 17.79 -3.68 -3.52
CA ASP B 47 19.19 -3.32 -3.36
C ASP B 47 20.15 -4.32 -4.00
N ILE B 48 19.85 -5.61 -3.83
CA ILE B 48 20.71 -6.69 -4.33
C ILE B 48 19.91 -7.76 -5.04
N ILE B 49 20.50 -8.36 -6.07
CA ILE B 49 19.86 -9.48 -6.79
C ILE B 49 20.63 -10.78 -6.52
N GLU B 50 19.90 -11.84 -6.16
CA GLU B 50 20.52 -13.11 -5.88
C GLU B 50 20.25 -14.07 -7.03
N TRP B 51 21.29 -14.65 -7.61
CA TRP B 51 21.04 -15.67 -8.62
C TRP B 51 21.14 -17.06 -7.97
N ARG B 52 19.98 -17.68 -7.79
CA ARG B 52 19.91 -19.04 -7.30
C ARG B 52 20.18 -19.93 -8.49
N VAL B 53 21.46 -20.16 -8.75
CA VAL B 53 21.90 -20.94 -9.91
C VAL B 53 21.54 -22.43 -9.81
N ASP B 54 21.20 -22.91 -8.60
CA ASP B 54 20.78 -24.30 -8.46
C ASP B 54 19.52 -24.56 -9.28
N PHE B 55 18.69 -23.54 -9.50
CA PHE B 55 17.50 -23.74 -10.35
C PHE B 55 17.86 -23.91 -11.83
N PHE B 56 19.03 -23.42 -12.26
CA PHE B 56 19.47 -23.46 -13.66
C PHE B 56 19.79 -24.90 -14.12
N GLU B 57 19.02 -25.38 -15.09
CA GLU B 57 19.17 -26.76 -15.63
C GLU B 57 20.56 -27.10 -16.17
N ASN B 58 21.20 -26.15 -16.83
CA ASN B 58 22.52 -26.39 -17.37
C ASN B 58 23.63 -25.95 -16.42
N VAL B 59 23.39 -26.09 -15.12
CA VAL B 59 24.35 -25.64 -14.13
C VAL B 59 25.69 -26.40 -14.14
N GLU B 60 25.66 -27.66 -14.58
CA GLU B 60 26.88 -28.50 -14.64
C GLU B 60 27.87 -28.14 -15.74
N ASN B 61 27.48 -27.22 -16.62
CA ASN B 61 28.38 -26.75 -17.67
C ASN B 61 28.74 -25.32 -17.28
N ILE B 62 29.96 -25.12 -16.78
CA ILE B 62 30.43 -23.80 -16.36
C ILE B 62 30.34 -22.80 -17.48
N LYS B 63 30.69 -23.23 -18.68
CA LYS B 63 30.64 -22.38 -19.85
C LYS B 63 29.26 -21.73 -19.95
N GLU B 64 28.20 -22.53 -19.87
CA GLU B 64 26.84 -22.00 -19.99
C GLU B 64 26.41 -21.11 -18.82
N VAL B 65 26.89 -21.44 -17.61
CA VAL B 65 26.62 -20.64 -16.45
C VAL B 65 27.24 -19.28 -16.71
N LYS B 66 28.48 -19.28 -17.19
CA LYS B 66 29.15 -18.01 -17.45
C LYS B 66 28.49 -17.22 -18.55
N GLU B 67 27.98 -17.90 -19.57
CA GLU B 67 27.28 -17.23 -20.66
C GLU B 67 26.07 -16.50 -20.08
N VAL B 68 25.45 -17.05 -19.04
CA VAL B 68 24.30 -16.37 -18.42
C VAL B 68 24.80 -15.11 -17.70
N LEU B 69 25.87 -15.21 -16.91
CA LEU B 69 26.41 -14.03 -16.21
C LEU B 69 26.73 -12.89 -17.14
N TYR B 70 27.43 -13.18 -18.22
CA TYR B 70 27.79 -12.11 -19.13
C TYR B 70 26.53 -11.34 -19.59
N GLU B 71 25.49 -12.06 -20.01
CA GLU B 71 24.25 -11.42 -20.50
C GLU B 71 23.48 -10.75 -19.36
N LEU B 72 23.45 -11.41 -18.21
CA LEU B 72 22.80 -10.89 -17.04
C LEU B 72 23.41 -9.51 -16.68
N ARG B 73 24.74 -9.44 -16.58
CA ARG B 73 25.39 -8.17 -16.29
C ARG B 73 24.93 -7.03 -17.18
N SER B 74 24.87 -7.27 -18.49
CA SER B 74 24.45 -6.24 -19.44
C SER B 74 23.15 -5.53 -19.02
N TYR B 75 22.32 -6.23 -18.24
CA TYR B 75 21.09 -5.63 -17.71
C TYR B 75 21.33 -5.06 -16.30
N ILE B 76 21.78 -5.87 -15.35
CA ILE B 76 22.02 -5.40 -13.98
C ILE B 76 23.51 -5.08 -13.73
N HIS B 77 24.13 -4.32 -14.63
CA HIS B 77 25.55 -4.03 -14.52
C HIS B 77 25.97 -3.31 -13.24
N ASP B 78 25.16 -2.34 -12.79
CA ASP B 78 25.50 -1.59 -11.59
C ASP B 78 24.86 -2.12 -10.30
N ILE B 79 23.99 -3.13 -10.39
CA ILE B 79 23.34 -3.68 -9.19
C ILE B 79 24.14 -4.83 -8.57
N PRO B 80 24.29 -4.84 -7.24
CA PRO B 80 25.03 -5.93 -6.60
C PRO B 80 24.44 -7.32 -6.91
N LEU B 81 25.30 -8.27 -7.24
CA LEU B 81 24.86 -9.62 -7.60
C LEU B 81 25.45 -10.67 -6.68
N LEU B 82 24.58 -11.42 -6.01
CA LEU B 82 24.99 -12.51 -5.14
C LEU B 82 24.80 -13.81 -5.94
N PHE B 83 25.80 -14.68 -5.92
CA PHE B 83 25.74 -15.94 -6.60
C PHE B 83 25.59 -17.04 -5.55
N THR B 84 24.49 -17.77 -5.63
CA THR B 84 24.21 -18.82 -4.67
C THR B 84 23.82 -20.14 -5.30
N PHE B 85 24.50 -21.21 -4.92
CA PHE B 85 24.12 -22.54 -5.33
C PHE B 85 23.70 -23.15 -4.02
N ARG B 86 22.40 -23.29 -3.85
CA ARG B 86 21.84 -23.84 -2.63
C ARG B 86 21.82 -25.33 -2.85
N SER B 87 22.54 -26.05 -2.00
CA SER B 87 22.65 -27.49 -2.12
C SER B 87 21.37 -28.18 -1.74
N VAL B 88 21.19 -29.41 -2.21
CA VAL B 88 19.98 -30.17 -1.93
C VAL B 88 19.69 -30.27 -0.43
N VAL B 89 20.76 -30.49 0.34
CA VAL B 89 20.67 -30.67 1.78
C VAL B 89 19.98 -29.51 2.50
N GLU B 90 20.19 -28.29 2.02
CA GLU B 90 19.60 -27.10 2.64
C GLU B 90 18.52 -26.44 1.80
N GLY B 91 17.74 -27.25 1.09
CA GLY B 91 16.62 -26.75 0.29
C GLY B 91 16.81 -26.67 -1.23
N GLY B 92 17.99 -27.02 -1.72
CA GLY B 92 18.25 -26.99 -3.16
C GLY B 92 17.43 -28.00 -3.96
N GLU B 93 17.40 -27.82 -5.29
CA GLU B 93 16.65 -28.72 -6.17
C GLU B 93 17.54 -29.56 -7.14
N LYS B 94 18.86 -29.33 -7.12
CA LYS B 94 19.80 -30.06 -7.99
C LYS B 94 21.03 -30.61 -7.27
N LEU B 95 21.26 -31.91 -7.44
CA LEU B 95 22.40 -32.59 -6.81
C LEU B 95 23.71 -32.34 -7.56
N ILE B 96 24.79 -32.09 -6.83
CA ILE B 96 26.13 -31.94 -7.46
C ILE B 96 27.25 -32.39 -6.52
N SER B 97 28.33 -32.89 -7.11
CA SER B 97 29.47 -33.36 -6.34
C SER B 97 30.03 -32.20 -5.55
N ARG B 98 30.64 -32.49 -4.40
CA ARG B 98 31.19 -31.44 -3.57
C ARG B 98 32.36 -30.75 -4.29
N ASP B 99 33.03 -31.48 -5.18
CA ASP B 99 34.14 -30.93 -5.92
C ASP B 99 33.66 -29.95 -7.01
N TYR B 100 32.48 -30.19 -7.60
CA TYR B 100 31.98 -29.26 -8.60
C TYR B 100 31.46 -27.99 -7.92
N TYR B 101 30.97 -28.15 -6.69
CA TYR B 101 30.44 -27.05 -5.90
C TYR B 101 31.54 -26.01 -5.67
N THR B 102 32.75 -26.52 -5.45
CA THR B 102 33.90 -25.67 -5.21
C THR B 102 34.34 -24.95 -6.48
N THR B 103 34.49 -25.73 -7.55
CA THR B 103 34.92 -25.19 -8.85
C THR B 103 33.93 -24.19 -9.40
N LEU B 104 32.63 -24.45 -9.24
CA LEU B 104 31.60 -23.51 -9.72
C LEU B 104 31.82 -22.17 -9.03
N ASN B 105 31.84 -22.21 -7.70
CA ASN B 105 32.04 -21.01 -6.91
C ASN B 105 33.37 -20.31 -7.19
N LYS B 106 34.44 -21.07 -7.40
CA LYS B 106 35.73 -20.45 -7.69
C LYS B 106 35.76 -19.84 -9.08
N GLU B 107 35.34 -20.60 -10.08
CA GLU B 107 35.31 -20.13 -11.48
C GLU B 107 34.46 -18.87 -11.66
N ILE B 108 33.26 -18.88 -11.11
CA ILE B 108 32.37 -17.74 -11.22
C ILE B 108 32.92 -16.54 -10.49
N SER B 109 33.41 -16.78 -9.27
CA SER B 109 34.00 -15.72 -8.49
C SER B 109 35.21 -15.12 -9.23
N ASN B 110 35.86 -15.94 -10.07
CA ASN B 110 37.04 -15.52 -10.84
C ASN B 110 36.70 -14.59 -12.01
N THR B 111 35.44 -14.58 -12.43
CA THR B 111 35.03 -13.75 -13.58
C THR B 111 34.97 -12.29 -13.28
N GLY B 112 34.92 -11.93 -12.01
CA GLY B 112 34.81 -10.54 -11.59
C GLY B 112 33.41 -10.00 -11.79
N LEU B 113 32.49 -10.88 -12.21
CA LEU B 113 31.12 -10.48 -12.49
C LEU B 113 30.14 -10.59 -11.32
N VAL B 114 30.48 -11.36 -10.29
CA VAL B 114 29.65 -11.50 -9.12
C VAL B 114 30.23 -10.66 -8.00
N ASP B 115 29.34 -10.10 -7.17
CA ASP B 115 29.76 -9.24 -6.06
C ASP B 115 29.78 -10.00 -4.75
N LEU B 116 28.91 -10.98 -4.62
CA LEU B 116 28.89 -11.83 -3.43
C LEU B 116 28.64 -13.29 -3.82
N ILE B 117 29.02 -14.20 -2.94
CA ILE B 117 28.78 -15.61 -3.14
C ILE B 117 28.39 -16.20 -1.80
N ASP B 118 27.55 -17.23 -1.84
CA ASP B 118 27.07 -17.87 -0.64
C ASP B 118 27.62 -19.27 -0.51
N VAL B 119 28.27 -19.56 0.61
CA VAL B 119 28.84 -20.88 0.86
C VAL B 119 28.19 -21.42 2.10
N GLU B 120 27.87 -22.71 2.10
CA GLU B 120 27.19 -23.29 3.24
C GLU B 120 28.13 -23.73 4.36
N LEU B 121 27.87 -23.24 5.56
CA LEU B 121 28.67 -23.56 6.75
C LEU B 121 28.86 -25.06 6.95
N PHE B 122 27.79 -25.82 6.78
CA PHE B 122 27.83 -27.28 6.97
C PHE B 122 28.55 -28.03 5.83
N MET B 123 29.07 -27.29 4.85
CA MET B 123 29.77 -27.92 3.73
C MET B 123 31.21 -28.29 4.15
N GLY B 124 31.64 -27.84 5.33
CA GLY B 124 32.97 -28.18 5.86
C GLY B 124 34.04 -27.13 5.66
N ASP B 125 34.98 -27.06 6.61
CA ASP B 125 36.08 -26.08 6.56
C ASP B 125 36.96 -26.20 5.33
N GLU B 126 37.22 -27.43 4.89
CA GLU B 126 37.99 -27.65 3.66
C GLU B 126 37.41 -26.79 2.54
N VAL B 127 36.15 -27.07 2.20
CA VAL B 127 35.46 -26.35 1.13
C VAL B 127 35.42 -24.85 1.39
N ILE B 128 35.09 -24.48 2.63
CA ILE B 128 34.97 -23.06 3.00
C ILE B 128 36.29 -22.28 2.90
N ASP B 129 37.34 -22.77 3.55
CA ASP B 129 38.62 -22.06 3.47
C ASP B 129 39.00 -21.84 1.99
N GLU B 130 38.88 -22.90 1.20
CA GLU B 130 39.22 -22.84 -0.22
C GLU B 130 38.44 -21.75 -0.96
N VAL B 131 37.13 -21.75 -0.77
CA VAL B 131 36.27 -20.79 -1.45
C VAL B 131 36.44 -19.38 -0.89
N VAL B 132 36.44 -19.26 0.43
CA VAL B 132 36.60 -17.95 1.07
C VAL B 132 37.89 -17.29 0.61
N ASN B 133 39.02 -17.98 0.75
CA ASN B 133 40.31 -17.44 0.32
C ASN B 133 40.27 -16.92 -1.10
N PHE B 134 39.87 -17.77 -2.02
CA PHE B 134 39.84 -17.38 -3.41
C PHE B 134 38.93 -16.18 -3.65
N ALA B 135 37.74 -16.20 -3.05
CA ALA B 135 36.77 -15.11 -3.18
C ALA B 135 37.36 -13.75 -2.81
N HIS B 136 37.95 -13.65 -1.62
CA HIS B 136 38.55 -12.38 -1.19
C HIS B 136 39.66 -11.93 -2.09
N LYS B 137 40.23 -12.86 -2.85
CA LYS B 137 41.34 -12.54 -3.70
C LYS B 137 40.80 -11.83 -4.94
N LYS B 138 39.54 -12.09 -5.24
CA LYS B 138 38.87 -11.44 -6.37
C LYS B 138 38.03 -10.28 -5.86
N GLU B 139 38.08 -10.06 -4.55
CA GLU B 139 37.37 -8.96 -3.92
C GLU B 139 35.84 -9.19 -4.00
N VAL B 140 35.45 -10.43 -3.70
CA VAL B 140 34.06 -10.83 -3.68
C VAL B 140 33.67 -11.07 -2.24
N LYS B 141 32.52 -10.56 -1.83
CA LYS B 141 32.07 -10.74 -0.45
C LYS B 141 31.50 -12.15 -0.31
N VAL B 142 31.62 -12.71 0.88
CA VAL B 142 31.17 -14.06 1.14
C VAL B 142 30.12 -14.10 2.21
N ILE B 143 29.02 -14.79 1.91
CA ILE B 143 27.94 -15.05 2.84
C ILE B 143 28.19 -16.49 3.24
N ILE B 144 28.34 -16.75 4.53
CA ILE B 144 28.47 -18.14 4.95
C ILE B 144 27.11 -18.40 5.57
N SER B 145 26.38 -19.35 5.01
CA SER B 145 25.01 -19.60 5.40
C SER B 145 24.70 -20.93 6.03
N ASN B 146 23.50 -21.00 6.61
CA ASN B 146 22.99 -22.20 7.25
C ASN B 146 21.47 -22.12 7.34
N HIS B 147 20.81 -23.21 6.98
CA HIS B 147 19.36 -23.27 6.97
C HIS B 147 18.88 -24.51 7.69
N ASP B 148 17.79 -24.39 8.43
CA ASP B 148 17.23 -25.54 9.13
C ASP B 148 15.74 -25.47 8.88
N PHE B 149 15.25 -26.34 8.01
CA PHE B 149 13.83 -26.35 7.65
C PHE B 149 12.97 -27.19 8.58
N ASN B 150 13.60 -27.74 9.60
CA ASN B 150 12.90 -28.60 10.54
C ASN B 150 12.55 -27.93 11.85
N LYS B 151 13.48 -27.15 12.39
CA LYS B 151 13.31 -26.56 13.69
C LYS B 151 14.15 -25.32 13.89
N THR B 152 13.99 -24.72 15.07
CA THR B 152 14.73 -23.56 15.47
C THR B 152 15.63 -24.04 16.61
N PRO B 153 16.95 -24.07 16.38
CA PRO B 153 17.84 -24.45 17.47
C PRO B 153 17.73 -23.44 18.60
N LYS B 154 18.20 -23.82 19.80
CA LYS B 154 18.17 -22.96 20.97
C LYS B 154 18.98 -21.72 20.64
N LYS B 155 18.68 -20.62 21.31
CA LYS B 155 19.37 -19.35 21.10
C LYS B 155 20.89 -19.48 21.04
N GLU B 156 21.47 -20.16 22.04
CA GLU B 156 22.93 -20.31 22.14
C GLU B 156 23.58 -20.94 20.92
N GLU B 157 22.89 -21.90 20.32
N GLU B 157 22.94 -21.92 20.31
CA GLU B 157 23.38 -22.59 19.13
CA GLU B 157 23.56 -22.53 19.12
C GLU B 157 23.43 -21.64 17.94
C GLU B 157 23.44 -21.62 17.90
N ILE B 158 22.38 -20.82 17.81
CA ILE B 158 22.26 -19.89 16.69
C ILE B 158 23.42 -18.89 16.78
N VAL B 159 23.65 -18.36 17.97
CA VAL B 159 24.73 -17.40 18.16
C VAL B 159 26.05 -18.11 17.91
N SER B 160 26.15 -19.36 18.36
CA SER B 160 27.37 -20.13 18.15
C SER B 160 27.66 -20.29 16.67
N ARG B 161 26.63 -20.59 15.88
CA ARG B 161 26.82 -20.75 14.43
C ARG B 161 27.21 -19.43 13.81
N LEU B 162 26.51 -18.36 14.17
CA LEU B 162 26.85 -17.05 13.64
C LEU B 162 28.32 -16.73 13.95
N CYS B 163 28.78 -17.11 15.15
CA CYS B 163 30.20 -16.88 15.55
C CYS B 163 31.19 -17.74 14.74
N ARG B 164 30.86 -19.01 14.51
CA ARG B 164 31.75 -19.85 13.69
C ARG B 164 31.91 -19.16 12.34
N MET B 165 30.78 -18.70 11.79
CA MET B 165 30.76 -18.04 10.49
C MET B 165 31.74 -16.87 10.43
N GLN B 166 31.75 -16.01 11.46
CA GLN B 166 32.68 -14.89 11.50
C GLN B 166 34.13 -15.37 11.50
N GLU B 167 34.40 -16.36 12.34
CA GLU B 167 35.74 -16.89 12.47
C GLU B 167 36.20 -17.56 11.18
N LEU B 168 35.27 -18.17 10.44
CA LEU B 168 35.60 -18.76 9.14
C LEU B 168 35.77 -17.68 8.05
N GLY B 169 35.62 -16.41 8.45
CA GLY B 169 35.88 -15.27 7.56
C GLY B 169 34.75 -14.72 6.72
N ALA B 170 33.51 -14.98 7.10
CA ALA B 170 32.39 -14.49 6.35
C ALA B 170 32.28 -12.98 6.43
N ASP B 171 32.00 -12.35 5.31
CA ASP B 171 31.73 -10.94 5.32
C ASP B 171 30.34 -10.78 5.89
N LEU B 172 29.45 -11.74 5.61
CA LEU B 172 28.07 -11.72 6.12
C LEU B 172 27.57 -13.08 6.63
N PRO B 173 27.53 -13.26 7.96
CA PRO B 173 26.98 -14.52 8.47
C PRO B 173 25.48 -14.58 8.20
N LYS B 174 24.95 -15.76 7.93
CA LYS B 174 23.52 -15.90 7.62
C LYS B 174 22.93 -17.20 8.13
N ILE B 175 21.80 -17.09 8.81
CA ILE B 175 21.08 -18.23 9.28
C ILE B 175 19.56 -18.04 9.09
N ALA B 176 18.93 -19.10 8.60
CA ALA B 176 17.50 -19.15 8.42
C ALA B 176 17.06 -20.40 9.15
N VAL B 177 16.05 -20.28 9.97
CA VAL B 177 15.55 -21.41 10.75
C VAL B 177 14.03 -21.49 10.62
N MET B 178 13.48 -22.63 10.97
CA MET B 178 12.05 -22.87 10.87
C MET B 178 11.43 -22.90 12.25
N PRO B 179 10.42 -22.04 12.47
CA PRO B 179 9.77 -22.07 13.77
C PRO B 179 8.74 -23.17 13.80
N GLN B 180 8.61 -23.83 14.94
CA GLN B 180 7.56 -24.84 15.12
C GLN B 180 6.48 -24.27 16.06
N ASN B 181 6.72 -23.07 16.56
CA ASN B 181 5.79 -22.37 17.44
C ASN B 181 6.16 -20.91 17.41
N GLU B 182 5.32 -20.08 17.99
CA GLU B 182 5.53 -18.66 18.01
C GLU B 182 6.76 -18.29 18.81
N LYS B 183 6.96 -18.98 19.91
CA LYS B 183 8.12 -18.75 20.75
C LYS B 183 9.44 -18.91 19.94
N ASP B 184 9.50 -19.92 19.08
CA ASP B 184 10.68 -20.10 18.22
C ASP B 184 10.97 -18.85 17.37
N VAL B 185 9.97 -18.07 17.05
CA VAL B 185 10.20 -16.87 16.28
C VAL B 185 10.92 -15.84 17.12
N LEU B 186 10.56 -15.80 18.40
CA LEU B 186 11.17 -14.85 19.33
C LEU B 186 12.60 -15.29 19.66
N VAL B 187 12.83 -16.60 19.65
CA VAL B 187 14.18 -17.12 19.89
C VAL B 187 15.11 -16.62 18.78
N LEU B 188 14.66 -16.68 17.54
CA LEU B 188 15.46 -16.20 16.42
C LEU B 188 15.79 -14.74 16.60
N LEU B 189 14.80 -13.95 16.96
CA LEU B 189 15.01 -12.53 17.13
C LEU B 189 15.95 -12.26 18.29
N GLU B 190 15.80 -13.02 19.36
CA GLU B 190 16.61 -12.81 20.55
C GLU B 190 18.08 -13.14 20.24
N ALA B 191 18.31 -14.25 19.56
CA ALA B 191 19.65 -14.68 19.17
C ALA B 191 20.26 -13.64 18.25
N THR B 192 19.44 -13.14 17.33
CA THR B 192 19.87 -12.15 16.40
C THR B 192 20.36 -10.92 17.13
N ASN B 193 19.59 -10.45 18.10
CA ASN B 193 19.99 -9.22 18.83
C ASN B 193 21.19 -9.43 19.71
N GLU B 194 21.36 -10.64 20.20
CA GLU B 194 22.50 -10.92 21.02
C GLU B 194 23.76 -10.84 20.14
N MET B 195 23.78 -11.52 19.00
CA MET B 195 24.92 -11.39 18.11
C MET B 195 25.23 -9.94 17.84
N PHE B 196 24.20 -9.22 17.42
CA PHE B 196 24.34 -7.81 17.05
C PHE B 196 25.03 -6.94 18.10
N LYS B 197 24.57 -6.97 19.35
CA LYS B 197 25.15 -6.13 20.41
C LYS B 197 26.42 -6.63 21.10
N ILE B 198 26.59 -7.94 21.19
CA ILE B 198 27.70 -8.50 21.93
C ILE B 198 28.89 -9.06 21.13
N TYR B 199 28.60 -9.90 20.14
CA TYR B 199 29.65 -10.63 19.39
C TYR B 199 29.92 -10.23 17.93
N ALA B 200 28.98 -9.53 17.30
CA ALA B 200 29.12 -9.14 15.91
C ALA B 200 30.25 -8.16 15.60
N ASP B 201 31.07 -8.54 14.62
CA ASP B 201 32.14 -7.73 14.11
C ASP B 201 31.76 -7.23 12.70
N ARG B 202 30.74 -7.89 12.09
CA ARG B 202 30.24 -7.58 10.74
C ARG B 202 28.71 -7.61 10.77
N PRO B 203 28.06 -7.23 9.65
CA PRO B 203 26.60 -7.32 9.63
C PRO B 203 26.22 -8.78 9.51
N ILE B 204 25.07 -9.14 10.08
CA ILE B 204 24.59 -10.51 10.02
C ILE B 204 23.23 -10.54 9.34
N ILE B 205 22.82 -11.74 8.90
CA ILE B 205 21.55 -11.93 8.23
C ILE B 205 20.88 -13.07 8.92
N THR B 206 19.64 -12.88 9.37
CA THR B 206 18.90 -13.92 10.04
C THR B 206 17.42 -13.83 9.65
N MET B 207 16.72 -14.96 9.72
CA MET B 207 15.31 -14.99 9.45
C MET B 207 14.67 -16.27 10.02
N SER B 208 13.42 -16.14 10.39
CA SER B 208 12.60 -17.26 10.84
C SER B 208 11.70 -17.48 9.66
N MET B 209 11.72 -18.67 9.08
CA MET B 209 10.92 -18.99 7.86
C MET B 209 9.42 -19.24 8.13
N SER B 210 8.66 -19.38 7.04
CA SER B 210 7.21 -19.62 7.07
C SER B 210 6.42 -18.34 7.42
N GLY B 211 5.11 -18.40 7.26
CA GLY B 211 4.24 -17.26 7.55
C GLY B 211 4.38 -16.79 8.98
N MET B 212 4.50 -17.76 9.88
CA MET B 212 4.65 -17.50 11.30
C MET B 212 5.90 -16.68 11.62
N GLY B 213 6.95 -16.85 10.81
CA GLY B 213 8.21 -16.12 11.01
C GLY B 213 8.37 -14.84 10.19
N VAL B 214 7.37 -14.53 9.36
CA VAL B 214 7.45 -13.38 8.44
C VAL B 214 7.85 -12.08 9.10
N ILE B 215 7.48 -11.91 10.35
CA ILE B 215 7.81 -10.71 11.10
C ILE B 215 9.33 -10.47 11.19
N SER B 216 10.12 -11.54 11.13
CA SER B 216 11.58 -11.41 11.19
C SER B 216 12.20 -10.86 9.89
N ARG B 217 11.42 -10.79 8.83
CA ARG B 217 11.87 -10.24 7.56
C ARG B 217 11.62 -8.77 7.50
N LEU B 218 10.83 -8.27 8.44
CA LEU B 218 10.44 -6.89 8.44
C LEU B 218 11.11 -5.99 9.47
N CYS B 219 11.62 -6.55 10.59
N CYS B 219 11.64 -6.57 10.55
CA CYS B 219 12.19 -5.74 11.67
CA CYS B 219 12.18 -5.78 11.65
C CYS B 219 13.69 -5.88 11.91
C CYS B 219 13.67 -5.95 11.93
N GLY B 220 14.47 -6.12 10.87
CA GLY B 220 15.91 -6.27 11.02
C GLY B 220 16.60 -5.02 11.56
N GLU B 221 16.04 -3.86 11.29
CA GLU B 221 16.68 -2.63 11.74
C GLU B 221 16.74 -2.60 13.26
N ILE B 222 15.66 -2.99 13.92
CA ILE B 222 15.63 -3.01 15.37
C ILE B 222 16.40 -4.17 15.98
N PHE B 223 16.21 -5.38 15.46
CA PHE B 223 16.84 -6.56 16.04
C PHE B 223 18.22 -6.95 15.51
N GLY B 224 18.63 -6.41 14.37
CA GLY B 224 19.99 -6.65 13.90
C GLY B 224 20.27 -7.31 12.56
N SER B 225 19.27 -7.85 11.87
CA SER B 225 19.49 -8.46 10.56
C SER B 225 19.73 -7.36 9.54
N ALA B 226 20.82 -7.45 8.78
CA ALA B 226 21.18 -6.40 7.85
C ALA B 226 20.67 -6.57 6.43
N LEU B 227 20.13 -7.74 6.11
CA LEU B 227 19.62 -8.05 4.78
C LEU B 227 18.33 -8.86 4.91
N THR B 228 17.36 -8.65 4.02
CA THR B 228 16.13 -9.39 4.06
C THR B 228 15.77 -9.83 2.63
N PHE B 229 15.18 -11.00 2.50
CA PHE B 229 14.87 -11.53 1.18
C PHE B 229 13.39 -11.38 0.85
N GLY B 230 13.11 -10.83 -0.32
CA GLY B 230 11.76 -10.66 -0.80
C GLY B 230 11.62 -11.38 -2.12
N ALA B 231 10.40 -11.81 -2.41
CA ALA B 231 10.14 -12.54 -3.64
C ALA B 231 9.69 -11.60 -4.76
N ALA B 232 9.99 -12.00 -6.00
CA ALA B 232 9.58 -11.24 -7.17
C ALA B 232 8.21 -11.75 -7.56
N LYS B 233 8.20 -12.83 -8.34
CA LYS B 233 6.97 -13.46 -8.79
C LYS B 233 6.64 -14.60 -7.81
N SER B 234 7.67 -15.30 -7.33
CA SER B 234 7.49 -16.42 -6.37
C SER B 234 8.66 -16.59 -5.37
N VAL B 235 8.36 -17.28 -4.27
CA VAL B 235 9.32 -17.50 -3.17
C VAL B 235 10.40 -18.56 -3.44
N SER B 236 11.59 -18.33 -2.85
CA SER B 236 12.74 -19.25 -2.93
C SER B 236 12.99 -19.86 -1.53
N ALA B 237 12.17 -19.44 -0.57
CA ALA B 237 12.22 -19.92 0.81
C ALA B 237 10.84 -19.64 1.41
N PRO B 238 10.34 -20.53 2.30
CA PRO B 238 9.00 -20.33 2.88
C PRO B 238 8.89 -19.06 3.74
N GLY B 239 7.86 -18.26 3.46
CA GLY B 239 7.59 -17.05 4.21
C GLY B 239 8.11 -15.77 3.58
N GLN B 240 8.34 -15.78 2.27
CA GLN B 240 8.81 -14.55 1.61
C GLN B 240 7.61 -13.69 1.17
N ILE B 241 7.77 -12.37 1.34
CA ILE B 241 6.82 -11.35 0.96
C ILE B 241 7.30 -10.77 -0.37
N SER B 242 6.40 -10.20 -1.18
CA SER B 242 6.80 -9.62 -2.45
C SER B 242 7.74 -8.46 -2.13
N PHE B 243 8.75 -8.25 -2.96
CA PHE B 243 9.74 -7.24 -2.64
C PHE B 243 9.28 -5.80 -2.67
N LYS B 244 8.29 -5.47 -3.50
CA LYS B 244 7.79 -4.09 -3.53
C LYS B 244 7.10 -3.77 -2.20
N GLU B 245 6.33 -4.72 -1.67
CA GLU B 245 5.64 -4.54 -0.40
C GLU B 245 6.64 -4.42 0.77
N LEU B 246 7.63 -5.30 0.74
CA LEU B 246 8.69 -5.33 1.74
C LEU B 246 9.40 -4.00 1.82
N ASN B 247 9.65 -3.39 0.68
CA ASN B 247 10.36 -2.12 0.63
C ASN B 247 9.60 -1.03 1.38
N SER B 248 8.29 -0.94 1.16
CA SER B 248 7.51 0.08 1.84
C SER B 248 7.50 -0.12 3.38
N VAL B 249 7.37 -1.37 3.83
CA VAL B 249 7.35 -1.65 5.27
C VAL B 249 8.70 -1.28 5.93
N LEU B 250 9.82 -1.60 5.27
CA LEU B 250 11.15 -1.26 5.79
C LEU B 250 11.33 0.26 5.82
N ASN B 251 10.92 0.96 4.75
CA ASN B 251 11.04 2.44 4.72
C ASN B 251 10.17 3.07 5.80
N LEU B 252 8.98 2.53 5.97
CA LEU B 252 8.07 2.95 7.02
C LEU B 252 8.68 2.77 8.42
N LEU B 253 9.25 1.60 8.70
CA LEU B 253 9.85 1.31 10.02
C LEU B 253 11.19 2.02 10.26
N HIS B 254 11.87 2.37 9.17
CA HIS B 254 13.13 3.11 9.28
C HIS B 254 12.90 4.48 9.89
N LYS B 255 11.82 5.12 9.45
CA LYS B 255 11.41 6.42 10.00
C LYS B 255 10.36 6.10 11.06
N SER B 256 10.81 5.77 12.27
CA SER B 256 9.86 5.39 13.33
C SER B 256 10.49 5.51 14.72
N MET C 4 11.07 -1.43 -30.98
CA MET C 4 9.93 -0.47 -30.87
C MET C 4 10.39 0.93 -31.33
N LYS C 5 10.66 1.82 -30.37
CA LYS C 5 11.08 3.19 -30.63
C LYS C 5 12.10 3.63 -29.58
N ARG C 6 12.60 4.86 -29.70
CA ARG C 6 13.62 5.36 -28.77
C ARG C 6 13.22 5.31 -27.31
N LYS C 7 14.11 4.72 -26.52
CA LYS C 7 13.96 4.66 -25.07
C LYS C 7 15.09 5.55 -24.53
N VAL C 8 14.94 6.06 -23.32
CA VAL C 8 15.93 6.96 -22.76
C VAL C 8 16.50 6.37 -21.46
N GLN C 9 17.77 6.01 -21.52
CA GLN C 9 18.44 5.37 -20.40
C GLN C 9 19.21 6.36 -19.53
N VAL C 10 18.98 6.28 -18.23
CA VAL C 10 19.73 7.08 -17.27
C VAL C 10 20.08 6.16 -16.09
N LYS C 11 21.37 5.83 -15.97
CA LYS C 11 21.84 4.90 -14.95
C LYS C 11 21.10 3.56 -15.11
N ASN C 12 20.47 3.05 -14.05
CA ASN C 12 19.76 1.78 -14.12
C ASN C 12 18.29 1.95 -14.49
N ILE C 13 17.92 3.15 -14.90
CA ILE C 13 16.52 3.47 -15.21
C ILE C 13 16.28 3.64 -16.70
N THR C 14 15.34 2.89 -17.23
CA THR C 14 14.99 3.00 -18.63
C THR C 14 13.64 3.74 -18.78
N ILE C 15 13.69 5.01 -19.12
CA ILE C 15 12.47 5.78 -19.31
C ILE C 15 11.90 5.41 -20.67
N GLY C 16 10.62 5.08 -20.72
CA GLY C 16 9.99 4.71 -21.99
C GLY C 16 9.47 3.28 -22.07
N GLU C 17 9.85 2.43 -21.14
CA GLU C 17 9.29 1.09 -21.14
C GLU C 17 8.83 0.71 -19.74
N GLY C 18 7.93 -0.26 -19.67
CA GLY C 18 7.43 -0.75 -18.39
C GLY C 18 6.60 0.29 -17.66
N ARG C 19 6.71 0.29 -16.33
CA ARG C 19 5.96 1.16 -15.46
C ARG C 19 6.48 2.57 -15.58
N PRO C 20 5.58 3.58 -15.58
CA PRO C 20 6.07 4.95 -15.65
C PRO C 20 7.05 5.23 -14.53
N LYS C 21 8.06 6.04 -14.79
CA LYS C 21 9.04 6.33 -13.76
C LYS C 21 8.61 7.48 -12.87
N ILE C 22 8.83 7.31 -11.58
CA ILE C 22 8.48 8.34 -10.64
C ILE C 22 9.68 9.29 -10.41
N CYS C 23 9.41 10.57 -10.61
CA CYS C 23 10.38 11.61 -10.38
C CYS C 23 9.92 12.41 -9.17
N VAL C 24 10.83 12.64 -8.24
CA VAL C 24 10.52 13.39 -7.03
C VAL C 24 11.34 14.68 -6.95
N PRO C 25 10.68 15.81 -6.74
CA PRO C 25 11.37 17.09 -6.67
C PRO C 25 11.96 17.50 -5.33
N ILE C 26 13.11 18.16 -5.44
CA ILE C 26 13.79 18.80 -4.32
C ILE C 26 13.51 20.27 -4.54
N ILE C 27 12.87 20.92 -3.59
CA ILE C 27 12.49 22.33 -3.72
C ILE C 27 12.99 23.28 -2.66
N GLY C 28 13.97 22.86 -1.86
CA GLY C 28 14.50 23.67 -0.78
C GLY C 28 15.02 25.02 -1.26
N LYS C 29 14.91 26.01 -0.37
CA LYS C 29 15.29 27.41 -0.62
C LYS C 29 16.79 27.68 -0.37
N ASN C 30 17.41 26.87 0.49
CA ASN C 30 18.83 27.01 0.80
C ASN C 30 19.58 25.68 0.81
N LYS C 31 20.90 25.75 0.75
CA LYS C 31 21.74 24.58 0.76
C LYS C 31 21.31 23.57 1.83
N LYS C 32 21.17 24.04 3.07
CA LYS C 32 20.80 23.17 4.17
C LYS C 32 19.53 22.35 3.89
N ASP C 33 18.43 23.03 3.59
CA ASP C 33 17.17 22.33 3.35
C ASP C 33 17.30 21.35 2.16
N ILE C 34 18.00 21.76 1.10
CA ILE C 34 18.20 20.91 -0.06
C ILE C 34 18.90 19.63 0.35
N ILE C 35 19.95 19.74 1.16
CA ILE C 35 20.66 18.56 1.67
C ILE C 35 19.76 17.68 2.53
N LYS C 36 18.97 18.28 3.41
CA LYS C 36 18.02 17.49 4.21
C LYS C 36 17.03 16.77 3.29
N GLU C 37 16.55 17.45 2.24
CA GLU C 37 15.63 16.80 1.32
C GLU C 37 16.28 15.59 0.65
N ALA C 38 17.50 15.77 0.20
CA ALA C 38 18.24 14.70 -0.45
C ALA C 38 18.49 13.57 0.56
N LYS C 39 18.72 13.94 1.82
CA LYS C 39 18.97 12.96 2.88
C LYS C 39 17.77 12.02 2.94
N GLU C 40 16.57 12.59 3.05
CA GLU C 40 15.33 11.83 3.20
C GLU C 40 14.94 10.90 2.04
N LEU C 41 15.52 11.12 0.86
CA LEU C 41 15.20 10.32 -0.35
C LEU C 41 16.24 9.25 -0.79
N LYS C 42 17.33 9.05 -0.03
CA LYS C 42 18.40 8.10 -0.47
C LYS C 42 17.86 6.70 -0.73
N ASP C 43 17.24 6.11 0.28
CA ASP C 43 16.71 4.76 0.15
C ASP C 43 15.20 4.70 -0.14
N ALA C 44 14.63 5.81 -0.61
CA ALA C 44 13.20 5.84 -0.93
C ALA C 44 12.95 5.12 -2.26
N CYS C 45 11.71 4.72 -2.50
CA CYS C 45 11.40 4.06 -3.74
C CYS C 45 10.96 5.07 -4.77
N LEU C 46 11.89 5.43 -5.63
CA LEU C 46 11.67 6.41 -6.67
C LEU C 46 12.64 6.10 -7.76
N ASP C 47 12.43 6.68 -8.92
CA ASP C 47 13.29 6.42 -10.05
C ASP C 47 14.28 7.53 -10.36
N ILE C 48 13.82 8.78 -10.23
CA ILE C 48 14.59 9.97 -10.58
C ILE C 48 14.32 11.09 -9.59
N ILE C 49 15.26 12.01 -9.44
CA ILE C 49 15.12 13.17 -8.55
C ILE C 49 15.27 14.44 -9.35
N GLU C 50 14.36 15.39 -9.15
CA GLU C 50 14.39 16.66 -9.84
C GLU C 50 14.79 17.76 -8.89
N TRP C 51 15.91 18.42 -9.17
CA TRP C 51 16.28 19.57 -8.37
C TRP C 51 15.68 20.78 -9.05
N ARG C 52 14.63 21.33 -8.45
CA ARG C 52 13.99 22.55 -8.94
C ARG C 52 14.83 23.69 -8.38
N VAL C 53 15.86 24.07 -9.14
CA VAL C 53 16.80 25.11 -8.71
C VAL C 53 16.20 26.53 -8.68
N ASP C 54 15.03 26.74 -9.30
CA ASP C 54 14.39 28.06 -9.25
C ASP C 54 14.00 28.46 -7.85
N PHE C 55 13.87 27.48 -6.94
CA PHE C 55 13.57 27.77 -5.55
C PHE C 55 14.81 28.18 -4.74
N PHE C 56 15.99 27.82 -5.23
CA PHE C 56 17.22 28.11 -4.56
C PHE C 56 17.51 29.60 -4.57
N GLU C 57 17.48 30.20 -3.38
CA GLU C 57 17.67 31.65 -3.21
C GLU C 57 18.92 32.24 -3.83
N ASN C 58 19.99 31.47 -3.84
CA ASN C 58 21.26 31.93 -4.42
C ASN C 58 21.50 31.47 -5.86
N VAL C 59 20.42 31.17 -6.58
CA VAL C 59 20.54 30.65 -7.94
C VAL C 59 21.33 31.56 -8.88
N GLU C 60 21.42 32.85 -8.58
CA GLU C 60 22.16 33.79 -9.45
C GLU C 60 23.67 33.68 -9.35
N ASN C 61 24.17 33.11 -8.25
CA ASN C 61 25.61 32.89 -8.04
C ASN C 61 25.92 31.43 -8.43
N ILE C 62 26.41 31.26 -9.65
CA ILE C 62 26.66 29.93 -10.18
C ILE C 62 27.63 29.10 -9.34
N LYS C 63 28.49 29.75 -8.58
CA LYS C 63 29.41 29.03 -7.70
C LYS C 63 28.64 28.38 -6.55
N GLU C 64 27.59 29.03 -6.05
CA GLU C 64 26.81 28.46 -4.94
C GLU C 64 25.90 27.34 -5.41
N VAL C 65 25.48 27.44 -6.66
CA VAL C 65 24.68 26.39 -7.24
C VAL C 65 25.55 25.10 -7.31
N LYS C 66 26.77 25.24 -7.83
CA LYS C 66 27.71 24.11 -7.93
C LYS C 66 28.03 23.47 -6.58
N GLU C 67 28.27 24.29 -5.57
CA GLU C 67 28.56 23.79 -4.20
C GLU C 67 27.44 22.89 -3.73
N VAL C 68 26.19 23.37 -3.91
CA VAL C 68 25.03 22.58 -3.49
C VAL C 68 24.98 21.29 -4.29
N LEU C 69 25.18 21.42 -5.59
CA LEU C 69 25.12 20.28 -6.47
C LEU C 69 26.12 19.20 -6.06
N TYR C 70 27.37 19.57 -5.90
CA TYR C 70 28.34 18.56 -5.50
C TYR C 70 27.95 17.86 -4.20
N GLU C 71 27.51 18.63 -3.20
CA GLU C 71 27.13 18.02 -1.94
C GLU C 71 25.89 17.17 -2.13
N LEU C 72 25.00 17.58 -3.03
CA LEU C 72 23.79 16.84 -3.32
C LEU C 72 24.16 15.53 -4.01
N ARG C 73 25.00 15.59 -5.02
CA ARG C 73 25.43 14.37 -5.68
C ARG C 73 25.99 13.35 -4.73
N SER C 74 26.86 13.77 -3.83
CA SER C 74 27.48 12.84 -2.87
C SER C 74 26.44 12.04 -2.07
N TYR C 75 25.28 12.65 -1.77
CA TYR C 75 24.23 11.97 -0.99
C TYR C 75 23.28 11.08 -1.82
N ILE C 76 23.03 11.40 -3.08
CA ILE C 76 22.14 10.55 -3.89
C ILE C 76 22.97 9.84 -4.94
N HIS C 77 24.27 9.80 -4.69
CA HIS C 77 25.26 9.29 -5.62
C HIS C 77 24.78 8.68 -6.91
N ASP C 78 24.14 7.52 -6.87
CA ASP C 78 23.75 6.89 -8.13
C ASP C 78 22.25 6.95 -8.48
N ILE C 79 21.60 8.06 -8.21
CA ILE C 79 20.20 8.21 -8.57
C ILE C 79 20.14 9.24 -9.70
N PRO C 80 19.45 8.92 -10.81
CA PRO C 80 19.34 9.87 -11.91
C PRO C 80 18.87 11.21 -11.37
N LEU C 81 19.56 12.29 -11.75
CA LEU C 81 19.20 13.62 -11.30
C LEU C 81 18.88 14.53 -12.49
N LEU C 82 17.68 15.13 -12.42
CA LEU C 82 17.18 16.11 -13.41
C LEU C 82 17.38 17.52 -12.80
N PHE C 83 17.96 18.43 -13.58
CA PHE C 83 18.21 19.80 -13.15
C PHE C 83 17.20 20.64 -13.91
N THR C 84 16.38 21.38 -13.16
CA THR C 84 15.37 22.23 -13.72
C THR C 84 15.27 23.62 -13.08
N PHE C 85 15.44 24.65 -13.90
CA PHE C 85 15.14 25.99 -13.47
C PHE C 85 13.82 26.31 -14.15
N ARG C 86 12.74 26.32 -13.40
CA ARG C 86 11.40 26.65 -13.97
C ARG C 86 11.24 28.19 -13.97
N SER C 87 11.13 28.80 -15.15
CA SER C 87 11.04 30.27 -15.24
C SER C 87 9.67 30.77 -14.79
N VAL C 88 9.61 32.04 -14.43
CA VAL C 88 8.37 32.66 -13.96
C VAL C 88 7.21 32.53 -14.96
N VAL C 89 7.50 32.66 -16.24
CA VAL C 89 6.47 32.56 -17.27
C VAL C 89 5.82 31.17 -17.31
N GLU C 90 6.49 30.16 -16.76
CA GLU C 90 5.89 28.81 -16.73
C GLU C 90 5.68 28.27 -15.32
N GLY C 91 5.46 29.18 -14.37
CA GLY C 91 5.16 28.82 -12.98
C GLY C 91 6.25 28.95 -11.97
N GLY C 92 7.37 29.52 -12.40
CA GLY C 92 8.50 29.71 -11.56
C GLY C 92 8.41 30.78 -10.49
N GLU C 93 9.46 30.79 -9.70
CA GLU C 93 9.57 31.65 -8.53
C GLU C 93 10.44 32.89 -8.69
N LYS C 94 11.54 32.72 -9.42
N LYS C 94 11.53 32.72 -9.45
CA LYS C 94 12.56 33.75 -9.62
CA LYS C 94 12.58 33.70 -9.65
C LYS C 94 12.76 34.18 -11.06
C LYS C 94 12.75 34.18 -11.08
N LEU C 95 12.91 35.49 -11.26
CA LEU C 95 13.17 36.07 -12.57
C LEU C 95 14.67 36.05 -12.83
N ILE C 96 15.09 35.64 -14.01
CA ILE C 96 16.50 35.70 -14.39
C ILE C 96 16.56 36.09 -15.86
N SER C 97 17.72 36.49 -16.33
CA SER C 97 17.85 36.89 -17.71
C SER C 97 17.96 35.65 -18.58
N ARG C 98 17.58 35.79 -19.82
CA ARG C 98 17.65 34.70 -20.75
C ARG C 98 19.08 34.30 -21.00
N ASP C 99 20.01 35.23 -20.87
CA ASP C 99 21.42 34.91 -20.96
C ASP C 99 21.85 34.09 -19.72
N TYR C 100 21.47 34.53 -18.53
CA TYR C 100 21.88 33.77 -17.36
C TYR C 100 21.25 32.37 -17.37
N TYR C 101 20.01 32.27 -17.83
CA TYR C 101 19.34 30.97 -17.93
C TYR C 101 20.14 30.03 -18.81
N THR C 102 20.69 30.55 -19.90
CA THR C 102 21.49 29.77 -20.83
C THR C 102 22.81 29.35 -20.16
N THR C 103 23.47 30.30 -19.51
CA THR C 103 24.75 30.04 -18.84
C THR C 103 24.59 29.05 -17.70
N LEU C 104 23.59 29.26 -16.85
CA LEU C 104 23.37 28.36 -15.71
C LEU C 104 23.23 26.91 -16.22
N ASN C 105 22.36 26.69 -17.20
CA ASN C 105 22.17 25.36 -17.76
C ASN C 105 23.42 24.75 -18.39
N LYS C 106 24.20 25.53 -19.14
CA LYS C 106 25.42 25.01 -19.75
C LYS C 106 26.46 24.62 -18.71
N GLU C 107 26.72 25.53 -17.79
CA GLU C 107 27.71 25.28 -16.74
C GLU C 107 27.38 24.09 -15.85
N ILE C 108 26.13 23.98 -15.41
CA ILE C 108 25.73 22.86 -14.56
C ILE C 108 25.83 21.56 -15.36
N SER C 109 25.43 21.65 -16.62
CA SER C 109 25.48 20.55 -17.54
C SER C 109 26.96 20.12 -17.73
N ASN C 110 27.87 21.10 -17.74
CA ASN C 110 29.31 20.83 -17.92
C ASN C 110 29.98 20.18 -16.70
N THR C 111 29.32 20.16 -15.55
CA THR C 111 29.94 19.57 -14.38
C THR C 111 29.96 18.05 -14.45
N GLY C 112 29.16 17.47 -15.32
CA GLY C 112 29.06 16.03 -15.43
C GLY C 112 28.20 15.38 -14.33
N LEU C 113 27.66 16.21 -13.42
CA LEU C 113 26.88 15.74 -12.26
C LEU C 113 25.37 15.59 -12.45
N VAL C 114 24.82 16.01 -13.58
CA VAL C 114 23.39 15.82 -13.81
C VAL C 114 23.21 14.91 -14.97
N ASP C 115 22.15 14.13 -14.91
CA ASP C 115 21.80 13.14 -15.92
C ASP C 115 20.80 13.69 -16.92
N LEU C 116 19.93 14.59 -16.46
CA LEU C 116 18.95 15.21 -17.34
C LEU C 116 18.85 16.70 -17.02
N ILE C 117 18.40 17.47 -18.02
CA ILE C 117 18.24 18.89 -17.86
C ILE C 117 16.94 19.31 -18.56
N ASP C 118 16.23 20.26 -17.97
CA ASP C 118 14.95 20.73 -18.53
C ASP C 118 15.16 22.06 -19.18
N VAL C 119 14.75 22.17 -20.45
CA VAL C 119 14.81 23.45 -21.19
C VAL C 119 13.40 23.76 -21.66
N GLU C 120 13.01 25.02 -21.50
CA GLU C 120 11.66 25.44 -21.85
C GLU C 120 11.49 25.81 -23.32
N LEU C 121 10.46 25.24 -23.94
CA LEU C 121 10.17 25.51 -25.35
C LEU C 121 10.13 26.98 -25.68
N PHE C 122 9.44 27.75 -24.86
CA PHE C 122 9.33 29.17 -25.08
C PHE C 122 10.58 30.03 -24.94
N MET C 123 11.69 29.44 -24.55
CA MET C 123 12.95 30.19 -24.46
C MET C 123 13.47 30.49 -25.88
N GLY C 124 13.02 29.73 -26.88
CA GLY C 124 13.39 29.96 -28.27
C GLY C 124 14.42 29.03 -28.87
N ASP C 125 14.51 29.03 -30.19
CA ASP C 125 15.43 28.15 -30.90
C ASP C 125 16.90 28.32 -30.59
N GLU C 126 17.35 29.57 -30.45
CA GLU C 126 18.76 29.84 -30.16
C GLU C 126 19.17 29.22 -28.83
N VAL C 127 18.38 29.54 -27.81
CA VAL C 127 18.62 29.02 -26.47
C VAL C 127 18.56 27.49 -26.45
N ILE C 128 17.53 26.93 -27.07
CA ILE C 128 17.39 25.48 -27.09
C ILE C 128 18.51 24.81 -27.87
N ASP C 129 18.81 25.30 -29.06
CA ASP C 129 19.89 24.73 -29.85
C ASP C 129 21.19 24.73 -29.05
N GLU C 130 21.45 25.80 -28.30
CA GLU C 130 22.68 25.90 -27.53
C GLU C 130 22.74 24.97 -26.32
N VAL C 131 21.63 24.82 -25.60
CA VAL C 131 21.60 23.95 -24.42
C VAL C 131 21.64 22.48 -24.84
N VAL C 132 20.85 22.11 -25.84
CA VAL C 132 20.84 20.74 -26.33
C VAL C 132 22.20 20.28 -26.81
N ASN C 133 22.84 21.05 -27.69
CA ASN C 133 24.16 20.68 -28.21
C ASN C 133 25.17 20.47 -27.10
N PHE C 134 25.23 21.39 -26.16
CA PHE C 134 26.17 21.24 -25.06
C PHE C 134 25.77 20.08 -24.13
N ALA C 135 24.47 19.89 -23.91
CA ALA C 135 24.00 18.78 -23.07
C ALA C 135 24.46 17.43 -23.69
N HIS C 136 24.38 17.32 -25.02
CA HIS C 136 24.78 16.06 -25.65
C HIS C 136 26.30 15.81 -25.61
N LYS C 137 27.10 16.87 -25.52
CA LYS C 137 28.53 16.69 -25.39
C LYS C 137 28.83 15.95 -24.10
N LYS C 138 28.05 16.24 -23.06
CA LYS C 138 28.23 15.61 -21.74
C LYS C 138 27.32 14.41 -21.46
N GLU C 139 26.64 13.93 -22.50
CA GLU C 139 25.74 12.77 -22.40
C GLU C 139 24.58 13.07 -21.46
N VAL C 140 24.15 14.32 -21.43
CA VAL C 140 23.04 14.70 -20.59
C VAL C 140 21.80 14.67 -21.44
N LYS C 141 20.73 14.09 -20.88
CA LYS C 141 19.45 13.94 -21.54
C LYS C 141 18.64 15.20 -21.35
N VAL C 142 17.99 15.64 -22.42
CA VAL C 142 17.22 16.87 -22.38
C VAL C 142 15.69 16.71 -22.45
N ILE C 143 15.02 17.40 -21.53
CA ILE C 143 13.57 17.49 -21.53
C ILE C 143 13.28 18.90 -22.05
N ILE C 144 12.45 19.03 -23.08
CA ILE C 144 12.01 20.35 -23.60
C ILE C 144 10.59 20.38 -23.08
N SER C 145 10.31 21.38 -22.26
CA SER C 145 9.04 21.47 -21.57
C SER C 145 8.19 22.68 -21.94
N ASN C 146 6.90 22.53 -21.71
CA ASN C 146 5.92 23.60 -21.97
C ASN C 146 4.75 23.42 -21.02
N HIS C 147 4.34 24.51 -20.38
CA HIS C 147 3.28 24.50 -19.41
C HIS C 147 2.25 25.58 -19.70
N ASP C 148 0.99 25.27 -19.50
CA ASP C 148 -0.08 26.23 -19.68
C ASP C 148 -0.93 26.12 -18.43
N PHE C 149 -0.87 27.14 -17.58
CA PHE C 149 -1.61 27.15 -16.31
C PHE C 149 -3.04 27.67 -16.36
N ASN C 150 -3.49 28.09 -17.52
CA ASN C 150 -4.84 28.66 -17.67
C ASN C 150 -5.84 27.76 -18.42
N LYS C 151 -5.34 26.98 -19.38
CA LYS C 151 -6.21 26.15 -20.19
C LYS C 151 -5.53 24.92 -20.79
N THR C 152 -6.36 24.05 -21.37
CA THR C 152 -5.91 22.88 -22.07
C THR C 152 -6.14 23.20 -23.54
N PRO C 153 -5.08 23.25 -24.33
CA PRO C 153 -5.35 23.48 -25.74
C PRO C 153 -6.02 22.23 -26.34
N LYS C 154 -6.52 22.36 -27.57
CA LYS C 154 -7.15 21.25 -28.30
C LYS C 154 -6.08 20.19 -28.52
N LYS C 155 -6.49 18.94 -28.73
CA LYS C 155 -5.53 17.83 -28.92
C LYS C 155 -4.50 18.03 -30.06
N GLU C 156 -4.95 18.47 -31.23
CA GLU C 156 -4.04 18.67 -32.36
C GLU C 156 -2.97 19.73 -32.04
N GLU C 157 -3.29 20.65 -31.15
CA GLU C 157 -2.35 21.71 -30.75
C GLU C 157 -1.37 21.16 -29.71
N ILE C 158 -1.85 20.22 -28.89
CA ILE C 158 -1.00 19.56 -27.91
C ILE C 158 0.05 18.74 -28.68
N VAL C 159 -0.46 17.95 -29.64
CA VAL C 159 0.36 17.10 -30.50
C VAL C 159 1.37 17.89 -31.29
N SER C 160 0.97 19.03 -31.86
CA SER C 160 1.89 19.89 -32.59
C SER C 160 3.07 20.36 -31.74
N ARG C 161 2.83 20.65 -30.47
CA ARG C 161 3.92 21.11 -29.61
C ARG C 161 4.83 19.97 -29.27
N LEU C 162 4.26 18.83 -28.94
CA LEU C 162 5.06 17.67 -28.62
C LEU C 162 5.93 17.38 -29.84
N CYS C 163 5.35 17.50 -31.04
CA CYS C 163 6.13 17.30 -32.28
C CYS C 163 7.24 18.36 -32.45
N ARG C 164 6.99 19.61 -32.07
CA ARG C 164 8.01 20.65 -32.21
C ARG C 164 9.20 20.28 -31.31
N MET C 165 8.91 19.99 -30.04
CA MET C 165 9.97 19.59 -29.10
C MET C 165 10.76 18.41 -29.66
N GLN C 166 10.08 17.51 -30.33
CA GLN C 166 10.73 16.34 -30.90
C GLN C 166 11.69 16.79 -32.05
N GLU C 167 11.23 17.75 -32.88
CA GLU C 167 12.07 18.27 -33.97
C GLU C 167 13.28 19.01 -33.41
N LEU C 168 13.09 19.67 -32.27
CA LEU C 168 14.17 20.43 -31.62
C LEU C 168 15.20 19.57 -30.90
N GLY C 169 15.04 18.25 -30.92
CA GLY C 169 16.01 17.35 -30.29
C GLY C 169 15.77 16.97 -28.84
N ALA C 170 14.55 17.11 -28.37
CA ALA C 170 14.22 16.74 -27.00
C ALA C 170 14.38 15.24 -26.85
N ASP C 171 15.01 14.79 -25.79
CA ASP C 171 15.07 13.35 -25.55
C ASP C 171 13.71 12.97 -24.99
N LEU C 172 13.10 13.89 -24.26
CA LEU C 172 11.83 13.72 -23.63
C LEU C 172 10.93 14.95 -23.74
N PRO C 173 10.03 14.97 -24.74
CA PRO C 173 9.08 16.08 -24.81
C PRO C 173 8.18 16.09 -23.56
N LYS C 174 7.94 17.27 -23.00
CA LYS C 174 7.10 17.36 -21.83
C LYS C 174 6.09 18.50 -21.94
N ILE C 175 4.84 18.22 -21.59
CA ILE C 175 3.80 19.25 -21.54
C ILE C 175 2.82 19.04 -20.35
N ALA C 176 2.57 20.14 -19.65
CA ALA C 176 1.63 20.18 -18.53
C ALA C 176 0.57 21.21 -18.89
N VAL C 177 -0.70 20.84 -18.78
CA VAL C 177 -1.80 21.74 -19.11
C VAL C 177 -2.82 21.77 -17.97
N MET C 178 -3.58 22.86 -17.87
CA MET C 178 -4.58 23.02 -16.80
C MET C 178 -5.97 22.82 -17.35
N PRO C 179 -6.73 21.87 -16.77
CA PRO C 179 -8.08 21.66 -17.21
C PRO C 179 -9.04 22.68 -16.60
N GLN C 180 -10.05 23.05 -17.35
CA GLN C 180 -11.08 23.93 -16.84
C GLN C 180 -12.37 23.16 -16.69
N ASN C 181 -12.36 21.92 -17.18
CA ASN C 181 -13.49 21.03 -17.11
C ASN C 181 -12.98 19.60 -17.22
N GLU C 182 -13.84 18.63 -16.92
CA GLU C 182 -13.44 17.23 -16.93
C GLU C 182 -13.07 16.79 -18.34
N LYS C 183 -13.78 17.31 -19.34
CA LYS C 183 -13.51 16.99 -20.72
C LYS C 183 -12.06 17.36 -21.07
N ASP C 184 -11.56 18.47 -20.52
CA ASP C 184 -10.17 18.87 -20.77
C ASP C 184 -9.19 17.79 -20.33
N VAL C 185 -9.48 17.11 -19.24
CA VAL C 185 -8.57 16.10 -18.77
C VAL C 185 -8.47 14.96 -19.81
N LEU C 186 -9.61 14.57 -20.35
CA LEU C 186 -9.66 13.50 -21.36
C LEU C 186 -9.01 13.94 -22.68
N VAL C 187 -9.06 15.25 -22.97
CA VAL C 187 -8.40 15.77 -24.17
C VAL C 187 -6.89 15.63 -23.98
N LEU C 188 -6.39 15.91 -22.81
CA LEU C 188 -4.94 15.75 -22.54
C LEU C 188 -4.57 14.30 -22.78
N LEU C 189 -5.31 13.38 -22.19
CA LEU C 189 -5.05 11.96 -22.33
C LEU C 189 -5.16 11.49 -23.76
N GLU C 190 -6.14 12.02 -24.49
CA GLU C 190 -6.34 11.67 -25.87
C GLU C 190 -5.17 12.14 -26.73
N ALA C 191 -4.69 13.34 -26.47
CA ALA C 191 -3.55 13.86 -27.21
C ALA C 191 -2.32 13.03 -26.91
N THR C 192 -2.15 12.68 -25.65
CA THR C 192 -1.01 11.89 -25.20
C THR C 192 -0.90 10.58 -25.94
N ASN C 193 -2.02 9.84 -26.01
CA ASN C 193 -2.04 8.52 -26.63
C ASN C 193 -1.92 8.55 -28.16
N GLU C 194 -2.53 9.54 -28.79
CA GLU C 194 -2.42 9.70 -30.22
C GLU C 194 -0.93 9.95 -30.51
N MET C 195 -0.30 10.79 -29.71
CA MET C 195 1.14 11.04 -29.85
C MET C 195 1.95 9.75 -29.60
N PHE C 196 1.53 9.00 -28.58
CA PHE C 196 2.23 7.78 -28.21
C PHE C 196 2.23 6.73 -29.29
N LYS C 197 1.11 6.55 -29.99
CA LYS C 197 1.09 5.49 -30.99
C LYS C 197 1.19 5.90 -32.44
N ILE C 198 1.07 7.20 -32.75
CA ILE C 198 1.14 7.66 -34.16
C ILE C 198 2.33 8.55 -34.50
N TYR C 199 2.60 9.56 -33.69
CA TYR C 199 3.67 10.51 -34.00
C TYR C 199 4.97 10.42 -33.19
N ALA C 200 4.91 9.95 -31.96
CA ALA C 200 6.12 9.92 -31.15
C ALA C 200 7.10 8.82 -31.56
N ASP C 201 8.39 9.18 -31.60
CA ASP C 201 9.46 8.20 -31.84
C ASP C 201 10.37 8.20 -30.59
N ARG C 202 9.89 8.81 -29.50
CA ARG C 202 10.59 8.91 -28.22
C ARG C 202 9.54 8.84 -27.17
N PRO C 203 9.96 8.69 -25.91
CA PRO C 203 9.03 8.73 -24.80
C PRO C 203 8.65 10.18 -24.56
N ILE C 204 7.44 10.38 -24.06
CA ILE C 204 6.93 11.69 -23.77
C ILE C 204 6.44 11.72 -22.34
N ILE C 205 6.30 12.94 -21.83
CA ILE C 205 5.85 13.20 -20.51
C ILE C 205 4.70 14.17 -20.65
N THR C 206 3.56 13.85 -20.05
CA THR C 206 2.39 14.73 -20.10
C THR C 206 1.57 14.71 -18.83
N MET C 207 0.95 15.85 -18.54
CA MET C 207 0.07 15.91 -17.40
C MET C 207 -1.00 16.96 -17.46
N SER C 208 -2.16 16.60 -16.93
CA SER C 208 -3.26 17.53 -16.74
C SER C 208 -3.12 17.90 -15.27
N MET C 209 -2.84 19.19 -14.99
CA MET C 209 -2.67 19.67 -13.61
C MET C 209 -3.96 19.75 -12.79
N SER C 210 -3.77 20.06 -11.49
CA SER C 210 -4.82 20.22 -10.49
C SER C 210 -5.45 18.90 -10.07
N GLY C 211 -6.27 18.96 -9.01
CA GLY C 211 -6.96 17.82 -8.48
C GLY C 211 -7.76 17.10 -9.54
N MET C 212 -8.40 17.87 -10.40
CA MET C 212 -9.23 17.32 -11.47
C MET C 212 -8.48 16.44 -12.47
N GLY C 213 -7.23 16.78 -12.74
CA GLY C 213 -6.42 16.02 -13.67
C GLY C 213 -5.49 14.95 -13.10
N VAL C 214 -5.55 14.71 -11.79
N VAL C 214 -5.55 14.71 -11.78
CA VAL C 214 -4.65 13.75 -11.12
CA VAL C 214 -4.68 13.73 -11.11
C VAL C 214 -4.62 12.39 -11.82
C VAL C 214 -4.62 12.39 -11.82
N ILE C 215 -5.73 11.97 -12.39
CA ILE C 215 -5.77 10.70 -13.08
C ILE C 215 -4.67 10.60 -14.15
N SER C 216 -4.33 11.74 -14.75
CA SER C 216 -3.32 11.78 -15.78
C SER C 216 -1.92 11.52 -15.23
N ARG C 217 -1.78 11.49 -13.92
CA ARG C 217 -0.48 11.24 -13.28
C ARG C 217 -0.35 9.77 -12.89
N LEU C 218 -1.48 9.06 -12.97
CA LEU C 218 -1.54 7.69 -12.57
C LEU C 218 -1.58 6.69 -13.70
N CYS C 219 -2.13 7.08 -14.85
CA CYS C 219 -2.39 6.15 -15.94
C CYS C 219 -1.42 6.19 -17.09
N GLY C 220 -0.21 6.67 -16.86
CA GLY C 220 0.77 6.73 -17.93
C GLY C 220 1.04 5.40 -18.63
N GLU C 221 0.88 4.29 -17.91
CA GLU C 221 1.18 3.01 -18.54
C GLU C 221 0.21 2.73 -19.66
N ILE C 222 -1.07 2.99 -19.44
CA ILE C 222 -2.02 2.77 -20.53
C ILE C 222 -1.95 3.90 -21.58
N PHE C 223 -1.94 5.16 -21.14
CA PHE C 223 -2.07 6.24 -22.10
C PHE C 223 -0.81 6.75 -22.75
N GLY C 224 0.33 6.53 -22.12
CA GLY C 224 1.59 6.89 -22.72
C GLY C 224 2.58 7.80 -22.01
N SER C 225 2.23 8.44 -20.91
CA SER C 225 3.20 9.32 -20.26
C SER C 225 4.23 8.42 -19.61
N ALA C 226 5.50 8.64 -19.93
CA ALA C 226 6.61 7.79 -19.45
C ALA C 226 7.17 8.16 -18.07
N LEU C 227 6.76 9.31 -17.56
CA LEU C 227 7.24 9.81 -16.30
C LEU C 227 6.13 10.55 -15.61
N THR C 228 6.12 10.45 -14.29
CA THR C 228 5.12 11.10 -13.52
C THR C 228 5.80 11.63 -12.28
N PHE C 229 5.38 12.82 -11.84
CA PHE C 229 6.01 13.48 -10.70
C PHE C 229 5.19 13.31 -9.43
N GLY C 230 5.87 12.98 -8.32
CA GLY C 230 5.23 12.78 -7.02
C GLY C 230 5.98 13.60 -5.99
N ALA C 231 5.26 14.19 -5.04
CA ALA C 231 5.87 15.08 -4.05
C ALA C 231 6.36 14.37 -2.81
N ALA C 232 7.36 14.97 -2.15
CA ALA C 232 7.90 14.46 -0.90
C ALA C 232 7.12 15.08 0.26
N LYS C 233 7.36 16.36 0.51
CA LYS C 233 6.67 17.13 1.57
C LYS C 233 5.63 18.08 1.01
N SER C 234 5.89 18.64 -0.16
CA SER C 234 4.95 19.55 -0.81
C SER C 234 5.14 19.52 -2.32
N VAL C 235 4.07 19.88 -3.03
CA VAL C 235 4.03 19.84 -4.49
C VAL C 235 4.94 20.89 -5.16
N SER C 236 5.36 20.58 -6.38
CA SER C 236 6.19 21.50 -7.18
C SER C 236 5.38 21.96 -8.39
N ALA C 237 4.12 21.49 -8.45
CA ALA C 237 3.14 21.86 -9.50
C ALA C 237 1.78 21.41 -8.98
N PRO C 238 0.69 22.08 -9.43
CA PRO C 238 -0.62 21.72 -8.93
C PRO C 238 -1.08 20.32 -9.32
N GLY C 239 -1.56 19.56 -8.34
CA GLY C 239 -2.08 18.21 -8.59
C GLY C 239 -1.22 17.05 -8.15
N GLN C 240 0.07 17.27 -7.92
CA GLN C 240 0.93 16.16 -7.47
C GLN C 240 0.42 15.54 -6.18
N ILE C 241 0.54 14.22 -6.06
CA ILE C 241 0.19 13.50 -4.81
C ILE C 241 1.52 12.98 -4.23
N SER C 242 1.53 12.45 -3.00
CA SER C 242 2.81 12.00 -2.45
C SER C 242 3.41 10.91 -3.35
N PHE C 243 4.74 10.87 -3.42
CA PHE C 243 5.40 9.89 -4.27
C PHE C 243 5.15 8.49 -3.78
N LYS C 244 4.99 8.31 -2.46
CA LYS C 244 4.74 6.98 -1.90
C LYS C 244 3.38 6.43 -2.38
N GLU C 245 2.36 7.24 -2.26
CA GLU C 245 1.04 6.84 -2.77
C GLU C 245 1.10 6.64 -4.30
N LEU C 246 1.88 7.47 -5.00
CA LEU C 246 2.01 7.34 -6.45
C LEU C 246 2.57 5.95 -6.79
N ASN C 247 3.64 5.60 -6.10
CA ASN C 247 4.28 4.29 -6.25
C ASN C 247 3.25 3.15 -6.11
N SER C 248 2.47 3.13 -5.03
CA SER C 248 1.52 2.04 -4.86
C SER C 248 0.44 2.01 -5.95
N VAL C 249 -0.10 3.16 -6.33
CA VAL C 249 -1.11 3.15 -7.40
C VAL C 249 -0.47 2.63 -8.70
N LEU C 250 0.76 3.07 -9.03
CA LEU C 250 1.43 2.62 -10.24
C LEU C 250 1.69 1.12 -10.30
N ASN C 251 2.08 0.53 -9.16
CA ASN C 251 2.31 -0.91 -9.08
C ASN C 251 0.97 -1.65 -9.19
N LEU C 252 -0.09 -1.07 -8.66
CA LEU C 252 -1.42 -1.64 -8.76
C LEU C 252 -1.86 -1.68 -10.24
N LEU C 253 -1.68 -0.60 -10.97
CA LEU C 253 -2.06 -0.59 -12.39
C LEU C 253 -1.12 -1.45 -13.27
N HIS C 254 0.13 -1.62 -12.85
CA HIS C 254 1.10 -2.39 -13.63
C HIS C 254 0.73 -3.86 -13.65
N LYS C 255 0.13 -4.31 -12.54
CA LYS C 255 -0.33 -5.70 -12.36
C LYS C 255 -1.84 -5.94 -12.59
N SER C 256 -2.56 -4.93 -13.08
CA SER C 256 -4.01 -5.07 -13.33
C SER C 256 -4.29 -5.58 -14.75
N MET D 4 -30.42 19.96 -6.29
CA MET D 4 -29.42 18.90 -6.59
C MET D 4 -30.17 17.57 -6.85
N LYS D 5 -29.55 16.70 -7.64
CA LYS D 5 -30.16 15.42 -8.02
C LYS D 5 -30.26 14.37 -6.90
N ARG D 6 -31.07 13.33 -7.14
CA ARG D 6 -31.25 12.28 -6.16
C ARG D 6 -29.98 11.54 -5.81
N LYS D 7 -30.00 11.00 -4.60
CA LYS D 7 -28.95 10.21 -4.05
C LYS D 7 -29.70 8.99 -3.58
N VAL D 8 -29.12 7.81 -3.73
CA VAL D 8 -29.77 6.58 -3.33
C VAL D 8 -29.23 6.09 -1.99
N GLN D 9 -30.06 6.19 -0.96
CA GLN D 9 -29.67 5.77 0.37
C GLN D 9 -30.02 4.29 0.54
N VAL D 10 -29.03 3.48 0.91
CA VAL D 10 -29.25 2.07 1.23
C VAL D 10 -28.58 1.92 2.59
N LYS D 11 -29.41 1.73 3.62
CA LYS D 11 -28.96 1.62 5.00
C LYS D 11 -28.05 2.79 5.35
N ASN D 12 -26.88 2.55 5.93
CA ASN D 12 -25.96 3.64 6.32
C ASN D 12 -25.08 4.16 5.16
N ILE D 13 -25.37 3.73 3.93
CA ILE D 13 -24.58 4.13 2.77
C ILE D 13 -25.36 5.08 1.88
N THR D 14 -24.78 6.22 1.60
CA THR D 14 -25.42 7.20 0.75
C THR D 14 -24.74 7.15 -0.62
N ILE D 15 -25.43 6.60 -1.60
CA ILE D 15 -24.86 6.45 -2.92
C ILE D 15 -25.06 7.73 -3.68
N GLY D 16 -23.96 8.28 -4.22
CA GLY D 16 -23.97 9.52 -5.00
C GLY D 16 -23.41 10.66 -4.18
N GLU D 17 -22.94 10.36 -2.97
CA GLU D 17 -22.39 11.37 -2.11
C GLU D 17 -20.94 11.01 -1.86
N GLY D 18 -20.09 12.03 -1.88
CA GLY D 18 -18.69 11.84 -1.65
C GLY D 18 -18.01 10.82 -2.53
N ARG D 19 -17.24 9.96 -1.87
CA ARG D 19 -16.42 8.92 -2.49
C ARG D 19 -17.30 7.90 -3.18
N PRO D 20 -16.87 7.37 -4.35
CA PRO D 20 -17.66 6.30 -4.94
C PRO D 20 -17.68 5.14 -3.95
N LYS D 21 -18.76 4.40 -3.93
CA LYS D 21 -18.91 3.30 -3.01
C LYS D 21 -18.34 2.05 -3.64
N ILE D 22 -17.76 1.22 -2.78
CA ILE D 22 -17.14 0.00 -3.22
C ILE D 22 -18.09 -1.17 -3.04
N CYS D 23 -18.34 -1.88 -4.14
CA CYS D 23 -19.19 -3.06 -4.09
C CYS D 23 -18.34 -4.30 -4.37
N VAL D 24 -18.48 -5.34 -3.55
CA VAL D 24 -17.72 -6.59 -3.70
C VAL D 24 -18.61 -7.80 -3.89
N PRO D 25 -18.37 -8.60 -4.94
CA PRO D 25 -19.18 -9.77 -5.19
C PRO D 25 -18.80 -11.08 -4.49
N ILE D 26 -19.82 -11.87 -4.20
CA ILE D 26 -19.72 -13.18 -3.65
C ILE D 26 -20.15 -14.03 -4.83
N ILE D 27 -19.31 -14.98 -5.22
CA ILE D 27 -19.56 -15.84 -6.38
C ILE D 27 -19.49 -17.32 -6.06
N GLY D 28 -19.72 -17.66 -4.80
CA GLY D 28 -19.67 -19.04 -4.37
C GLY D 28 -20.69 -19.95 -5.05
N LYS D 29 -20.30 -21.21 -5.26
CA LYS D 29 -21.15 -22.22 -5.90
C LYS D 29 -22.15 -22.91 -4.99
N ASN D 30 -21.85 -22.97 -3.69
CA ASN D 30 -22.73 -23.60 -2.72
C ASN D 30 -22.83 -22.73 -1.48
N LYS D 31 -23.75 -23.09 -0.60
CA LYS D 31 -24.01 -22.36 0.62
C LYS D 31 -22.78 -22.21 1.50
N LYS D 32 -22.02 -23.28 1.67
CA LYS D 32 -20.81 -23.21 2.51
C LYS D 32 -19.83 -22.21 1.97
N ASP D 33 -19.65 -22.22 0.65
CA ASP D 33 -18.71 -21.30 0.04
C ASP D 33 -19.16 -19.85 0.14
N ILE D 34 -20.44 -19.62 -0.09
CA ILE D 34 -21.02 -18.27 0.00
C ILE D 34 -20.85 -17.72 1.40
N ILE D 35 -21.11 -18.56 2.39
CA ILE D 35 -20.97 -18.17 3.78
C ILE D 35 -19.49 -17.97 4.13
N LYS D 36 -18.61 -18.80 3.58
CA LYS D 36 -17.17 -18.57 3.76
C LYS D 36 -16.85 -17.17 3.29
N GLU D 37 -17.22 -16.85 2.05
CA GLU D 37 -16.94 -15.51 1.47
C GLU D 37 -17.56 -14.40 2.29
N ALA D 38 -18.80 -14.58 2.72
CA ALA D 38 -19.49 -13.59 3.53
C ALA D 38 -18.71 -13.30 4.80
N LYS D 39 -18.15 -14.33 5.42
CA LYS D 39 -17.36 -14.18 6.65
C LYS D 39 -16.05 -13.40 6.43
N GLU D 40 -15.51 -13.40 5.21
CA GLU D 40 -14.32 -12.60 4.92
C GLU D 40 -14.65 -11.13 4.64
N LEU D 41 -15.86 -10.87 4.18
CA LEU D 41 -16.25 -9.51 3.82
C LEU D 41 -16.94 -8.75 4.94
N LYS D 42 -17.47 -9.43 5.95
CA LYS D 42 -18.24 -8.79 7.04
C LYS D 42 -17.57 -7.60 7.76
N ASP D 43 -16.29 -7.73 8.12
CA ASP D 43 -15.57 -6.64 8.82
C ASP D 43 -14.70 -5.86 7.85
N ALA D 44 -14.71 -6.25 6.58
CA ALA D 44 -13.85 -5.64 5.58
C ALA D 44 -14.19 -4.20 5.18
N CYS D 45 -13.22 -3.62 4.48
CA CYS D 45 -13.22 -2.26 4.00
C CYS D 45 -14.02 -2.06 2.71
N LEU D 46 -15.33 -2.26 2.80
CA LEU D 46 -16.20 -2.14 1.66
C LEU D 46 -17.51 -1.55 2.14
N ASP D 47 -18.33 -1.12 1.18
CA ASP D 47 -19.61 -0.48 1.45
C ASP D 47 -20.81 -1.36 1.13
N ILE D 48 -20.75 -2.10 0.01
CA ILE D 48 -21.85 -2.95 -0.47
C ILE D 48 -21.41 -4.35 -0.89
N ILE D 49 -22.20 -5.36 -0.58
CA ILE D 49 -21.90 -6.72 -1.02
C ILE D 49 -22.85 -7.11 -2.16
N GLU D 50 -22.30 -7.65 -3.25
CA GLU D 50 -23.12 -8.13 -4.37
C GLU D 50 -23.17 -9.66 -4.37
N TRP D 51 -24.36 -10.24 -4.33
CA TRP D 51 -24.44 -11.70 -4.44
C TRP D 51 -24.78 -12.05 -5.88
N ARG D 52 -23.78 -12.58 -6.57
CA ARG D 52 -23.94 -13.04 -7.94
C ARG D 52 -24.53 -14.45 -7.87
N VAL D 53 -25.85 -14.52 -7.74
CA VAL D 53 -26.58 -15.78 -7.58
C VAL D 53 -26.48 -16.71 -8.79
N ASP D 54 -26.15 -16.17 -9.96
CA ASP D 54 -25.99 -16.99 -11.12
C ASP D 54 -24.89 -18.05 -10.92
N PHE D 55 -23.95 -17.81 -10.01
CA PHE D 55 -22.95 -18.82 -9.69
C PHE D 55 -23.51 -19.91 -8.72
N PHE D 56 -24.63 -19.67 -8.05
CA PHE D 56 -25.19 -20.65 -7.09
C PHE D 56 -25.82 -21.84 -7.84
N GLU D 57 -25.33 -23.04 -7.59
CA GLU D 57 -25.79 -24.21 -8.35
C GLU D 57 -27.24 -24.48 -8.19
N ASN D 58 -27.72 -24.31 -6.97
CA ASN D 58 -29.09 -24.58 -6.68
C ASN D 58 -30.01 -23.38 -6.91
N VAL D 59 -29.60 -22.45 -7.78
CA VAL D 59 -30.38 -21.24 -8.04
C VAL D 59 -31.81 -21.47 -8.52
N GLU D 60 -32.09 -22.61 -9.15
CA GLU D 60 -33.45 -22.91 -9.63
C GLU D 60 -34.41 -23.37 -8.51
N ASN D 61 -33.89 -23.59 -7.30
CA ASN D 61 -34.71 -23.94 -6.13
C ASN D 61 -34.79 -22.70 -5.24
N ILE D 62 -35.90 -21.97 -5.35
CA ILE D 62 -36.08 -20.72 -4.61
C ILE D 62 -35.96 -20.91 -3.10
N LYS D 63 -36.39 -22.05 -2.56
CA LYS D 63 -36.24 -22.22 -1.12
C LYS D 63 -34.76 -22.30 -0.70
N GLU D 64 -33.92 -22.85 -1.56
CA GLU D 64 -32.50 -22.94 -1.26
C GLU D 64 -31.82 -21.60 -1.41
N VAL D 65 -32.30 -20.77 -2.33
CA VAL D 65 -31.75 -19.43 -2.50
C VAL D 65 -32.11 -18.65 -1.24
N LYS D 66 -33.36 -18.80 -0.83
CA LYS D 66 -33.89 -18.11 0.32
C LYS D 66 -33.09 -18.50 1.59
N GLU D 67 -32.87 -19.80 1.80
CA GLU D 67 -32.12 -20.29 2.96
C GLU D 67 -30.68 -19.75 3.03
N VAL D 68 -30.01 -19.58 1.89
CA VAL D 68 -28.67 -18.99 1.90
C VAL D 68 -28.81 -17.58 2.42
N LEU D 69 -29.83 -16.90 1.91
CA LEU D 69 -30.09 -15.51 2.26
C LEU D 69 -30.27 -15.30 3.78
N TYR D 70 -31.08 -16.14 4.42
CA TYR D 70 -31.28 -16.03 5.87
C TYR D 70 -29.95 -16.25 6.64
N GLU D 71 -29.14 -17.20 6.20
CA GLU D 71 -27.86 -17.48 6.84
C GLU D 71 -26.88 -16.34 6.54
N LEU D 72 -26.91 -15.86 5.30
CA LEU D 72 -26.05 -14.79 4.87
C LEU D 72 -26.29 -13.55 5.76
N ARG D 73 -27.55 -13.17 5.97
CA ARG D 73 -27.85 -12.03 6.83
C ARG D 73 -27.29 -12.18 8.24
N SER D 74 -27.33 -13.40 8.81
CA SER D 74 -26.78 -13.61 10.15
C SER D 74 -25.33 -13.16 10.22
N TYR D 75 -24.63 -13.10 9.08
CA TYR D 75 -23.23 -12.65 9.04
C TYR D 75 -23.09 -11.19 8.56
N ILE D 76 -23.94 -10.74 7.64
CA ILE D 76 -23.87 -9.38 7.09
C ILE D 76 -25.20 -8.61 7.29
N HIS D 77 -25.65 -8.53 8.53
CA HIS D 77 -26.92 -7.87 8.85
C HIS D 77 -27.03 -6.41 8.39
N ASP D 78 -26.09 -5.55 8.76
CA ASP D 78 -26.24 -4.15 8.41
C ASP D 78 -25.59 -3.68 7.10
N ILE D 79 -24.89 -4.56 6.41
CA ILE D 79 -24.25 -4.18 5.13
C ILE D 79 -25.24 -4.31 3.96
N PRO D 80 -25.39 -3.25 3.15
CA PRO D 80 -26.30 -3.30 2.01
C PRO D 80 -26.01 -4.51 1.13
N LEU D 81 -27.06 -5.15 0.65
CA LEU D 81 -26.88 -6.35 -0.17
C LEU D 81 -27.59 -6.18 -1.50
N LEU D 82 -26.81 -6.31 -2.58
CA LEU D 82 -27.27 -6.23 -3.93
C LEU D 82 -27.43 -7.67 -4.44
N PHE D 83 -28.61 -8.01 -4.92
CA PHE D 83 -28.90 -9.34 -5.46
C PHE D 83 -28.88 -9.28 -6.97
N THR D 84 -27.96 -10.01 -7.58
CA THR D 84 -27.84 -9.98 -9.01
C THR D 84 -27.82 -11.35 -9.63
N PHE D 85 -28.74 -11.59 -10.55
CA PHE D 85 -28.66 -12.79 -11.35
C PHE D 85 -28.22 -12.28 -12.72
N ARG D 86 -26.98 -12.54 -13.08
CA ARG D 86 -26.45 -12.09 -14.35
C ARG D 86 -26.73 -13.18 -15.40
N SER D 87 -27.48 -12.80 -16.43
CA SER D 87 -27.88 -13.78 -17.45
C SER D 87 -26.72 -14.12 -18.37
N VAL D 88 -26.87 -15.25 -19.08
CA VAL D 88 -25.84 -15.74 -19.98
C VAL D 88 -25.55 -14.73 -21.10
N VAL D 89 -26.59 -14.02 -21.54
CA VAL D 89 -26.43 -13.05 -22.63
C VAL D 89 -25.46 -11.95 -22.23
N GLU D 90 -25.33 -11.67 -20.94
CA GLU D 90 -24.43 -10.62 -20.47
C GLU D 90 -23.32 -11.09 -19.50
N GLY D 91 -22.83 -12.32 -19.68
CA GLY D 91 -21.69 -12.82 -18.91
C GLY D 91 -21.85 -13.95 -17.89
N GLY D 92 -23.08 -14.34 -17.57
CA GLY D 92 -23.32 -15.41 -16.60
C GLY D 92 -23.19 -16.77 -17.26
N GLU D 93 -23.10 -17.83 -16.45
CA GLU D 93 -22.97 -19.19 -17.02
C GLU D 93 -24.16 -20.10 -16.76
N LYS D 94 -25.22 -19.58 -16.14
CA LYS D 94 -26.41 -20.36 -15.83
C LYS D 94 -27.64 -19.88 -16.65
N LEU D 95 -28.15 -20.77 -17.48
CA LEU D 95 -29.32 -20.46 -18.29
C LEU D 95 -30.60 -20.66 -17.47
N ILE D 96 -31.49 -19.68 -17.53
CA ILE D 96 -32.80 -19.80 -16.90
C ILE D 96 -33.86 -19.18 -17.81
N SER D 97 -35.11 -19.49 -17.53
CA SER D 97 -36.20 -18.98 -18.33
C SER D 97 -36.47 -17.56 -17.91
N ARG D 98 -37.02 -16.80 -18.83
CA ARG D 98 -37.41 -15.43 -18.62
C ARG D 98 -38.39 -15.37 -17.44
N ASP D 99 -39.20 -16.39 -17.33
CA ASP D 99 -40.22 -16.48 -16.31
C ASP D 99 -39.59 -16.71 -14.91
N TYR D 100 -38.66 -17.64 -14.80
CA TYR D 100 -38.03 -17.86 -13.49
C TYR D 100 -37.16 -16.64 -13.07
N TYR D 101 -36.63 -15.91 -14.05
CA TYR D 101 -35.83 -14.69 -13.79
C TYR D 101 -36.65 -13.60 -13.09
N THR D 102 -37.87 -13.41 -13.55
CA THR D 102 -38.80 -12.47 -12.96
C THR D 102 -39.24 -12.98 -11.59
N THR D 103 -39.62 -14.25 -11.53
CA THR D 103 -40.06 -14.86 -10.29
C THR D 103 -38.95 -14.80 -9.24
N LEU D 104 -37.73 -15.13 -9.67
CA LEU D 104 -36.58 -15.13 -8.76
C LEU D 104 -36.39 -13.76 -8.14
N ASN D 105 -36.48 -12.72 -8.96
CA ASN D 105 -36.27 -11.37 -8.47
C ASN D 105 -37.39 -10.83 -7.59
N LYS D 106 -38.63 -11.19 -7.93
CA LYS D 106 -39.76 -10.73 -7.13
C LYS D 106 -39.74 -11.43 -5.77
N GLU D 107 -39.65 -12.77 -5.79
CA GLU D 107 -39.63 -13.54 -4.53
C GLU D 107 -38.52 -13.06 -3.60
N ILE D 108 -37.32 -12.91 -4.12
CA ILE D 108 -36.22 -12.44 -3.29
C ILE D 108 -36.48 -11.00 -2.81
N SER D 109 -36.99 -10.15 -3.69
CA SER D 109 -37.34 -8.78 -3.30
C SER D 109 -38.37 -8.81 -2.20
N ASN D 110 -39.24 -9.81 -2.26
CA ASN D 110 -40.35 -9.99 -1.29
C ASN D 110 -39.87 -10.40 0.10
N THR D 111 -38.65 -10.93 0.21
CA THR D 111 -38.14 -11.41 1.50
C THR D 111 -37.89 -10.26 2.45
N GLY D 112 -37.50 -9.13 1.89
CA GLY D 112 -37.17 -7.94 2.69
C GLY D 112 -35.70 -7.97 3.08
N LEU D 113 -34.96 -9.00 2.63
CA LEU D 113 -33.57 -9.19 3.02
C LEU D 113 -32.49 -8.69 2.05
N VAL D 114 -32.88 -8.15 0.90
CA VAL D 114 -31.93 -7.56 -0.04
C VAL D 114 -32.29 -6.08 -0.17
N ASP D 115 -31.27 -5.26 -0.34
CA ASP D 115 -31.43 -3.81 -0.41
C ASP D 115 -31.49 -3.27 -1.82
N LEU D 116 -30.94 -4.05 -2.75
CA LEU D 116 -30.91 -3.70 -4.16
C LEU D 116 -30.98 -4.99 -4.97
N ILE D 117 -31.53 -4.88 -6.18
CA ILE D 117 -31.57 -5.95 -7.15
C ILE D 117 -31.12 -5.35 -8.48
N ASP D 118 -30.57 -6.18 -9.35
CA ASP D 118 -30.10 -5.75 -10.66
C ASP D 118 -30.93 -6.45 -11.75
N VAL D 119 -31.52 -5.65 -12.64
CA VAL D 119 -32.31 -6.15 -13.77
C VAL D 119 -31.64 -5.70 -15.04
N GLU D 120 -31.60 -6.56 -16.05
CA GLU D 120 -30.92 -6.21 -17.31
C GLU D 120 -31.85 -5.47 -18.27
N LEU D 121 -31.39 -4.32 -18.78
CA LEU D 121 -32.16 -3.50 -19.71
C LEU D 121 -32.71 -4.28 -20.90
N PHE D 122 -31.85 -5.12 -21.50
CA PHE D 122 -32.21 -5.90 -22.69
C PHE D 122 -33.17 -7.06 -22.43
N MET D 123 -33.67 -7.20 -21.20
CA MET D 123 -34.66 -8.24 -20.88
C MET D 123 -36.05 -7.76 -21.31
N GLY D 124 -36.14 -6.57 -21.91
CA GLY D 124 -37.42 -6.02 -22.38
C GLY D 124 -38.18 -5.21 -21.35
N ASP D 125 -39.10 -4.38 -21.83
CA ASP D 125 -39.89 -3.53 -20.96
C ASP D 125 -40.91 -4.28 -20.08
N GLU D 126 -41.56 -5.32 -20.62
CA GLU D 126 -42.49 -6.11 -19.80
C GLU D 126 -41.82 -6.58 -18.51
N VAL D 127 -40.66 -7.22 -18.67
CA VAL D 127 -39.89 -7.75 -17.54
C VAL D 127 -39.44 -6.65 -16.58
N ILE D 128 -38.92 -5.57 -17.13
CA ILE D 128 -38.44 -4.46 -16.32
C ILE D 128 -39.57 -3.80 -15.57
N ASP D 129 -40.67 -3.54 -16.26
CA ASP D 129 -41.81 -2.92 -15.62
C ASP D 129 -42.30 -3.75 -14.42
N GLU D 130 -42.40 -5.06 -14.60
CA GLU D 130 -42.87 -5.93 -13.53
C GLU D 130 -41.91 -6.02 -12.34
N VAL D 131 -40.62 -6.18 -12.62
CA VAL D 131 -39.64 -6.29 -11.55
C VAL D 131 -39.46 -4.93 -10.84
N VAL D 132 -39.30 -3.87 -11.61
CA VAL D 132 -39.12 -2.54 -11.04
C VAL D 132 -40.36 -2.11 -10.26
N ASN D 133 -41.55 -2.31 -10.81
CA ASN D 133 -42.76 -1.95 -10.08
C ASN D 133 -42.82 -2.69 -8.75
N PHE D 134 -42.57 -3.99 -8.77
CA PHE D 134 -42.64 -4.80 -7.56
C PHE D 134 -41.56 -4.47 -6.55
N ALA D 135 -40.33 -4.28 -7.04
CA ALA D 135 -39.18 -3.92 -6.20
C ALA D 135 -39.46 -2.66 -5.38
N HIS D 136 -40.04 -1.65 -6.02
CA HIS D 136 -40.34 -0.39 -5.32
C HIS D 136 -41.37 -0.52 -4.22
N LYS D 137 -42.34 -1.40 -4.41
CA LYS D 137 -43.35 -1.63 -3.40
C LYS D 137 -42.75 -2.30 -2.16
N LYS D 138 -41.51 -2.75 -2.30
CA LYS D 138 -40.80 -3.42 -1.22
C LYS D 138 -39.65 -2.58 -0.66
N GLU D 139 -39.54 -1.33 -1.08
CA GLU D 139 -38.44 -0.46 -0.63
C GLU D 139 -37.06 -1.01 -1.08
N VAL D 140 -37.03 -1.69 -2.24
CA VAL D 140 -35.77 -2.26 -2.79
C VAL D 140 -35.34 -1.41 -3.97
N LYS D 141 -34.06 -1.02 -3.98
CA LYS D 141 -33.51 -0.19 -5.04
C LYS D 141 -33.17 -1.05 -6.23
N VAL D 142 -33.34 -0.49 -7.42
CA VAL D 142 -33.11 -1.23 -8.63
C VAL D 142 -32.03 -0.63 -9.49
N ILE D 143 -31.14 -1.50 -9.97
CA ILE D 143 -30.11 -1.12 -10.90
C ILE D 143 -30.58 -1.70 -12.21
N ILE D 144 -30.62 -0.90 -13.26
CA ILE D 144 -30.93 -1.42 -14.56
C ILE D 144 -29.58 -1.41 -15.19
N SER D 145 -29.11 -2.58 -15.63
CA SER D 145 -27.78 -2.69 -16.16
C SER D 145 -27.72 -3.14 -17.61
N ASN D 146 -26.59 -2.82 -18.22
CA ASN D 146 -26.30 -3.23 -19.58
C ASN D 146 -24.82 -3.49 -19.71
N HIS D 147 -24.45 -4.59 -20.37
CA HIS D 147 -23.04 -4.96 -20.56
C HIS D 147 -22.73 -5.28 -22.01
N ASP D 148 -21.63 -4.73 -22.51
CA ASP D 148 -21.17 -5.01 -23.87
C ASP D 148 -19.71 -5.42 -23.77
N PHE D 149 -19.47 -6.72 -23.98
CA PHE D 149 -18.14 -7.31 -23.86
C PHE D 149 -17.34 -7.32 -25.14
N ASN D 150 -17.92 -6.87 -26.23
CA ASN D 150 -17.23 -6.85 -27.50
C ASN D 150 -16.70 -5.48 -27.89
N LYS D 151 -17.44 -4.43 -27.53
CA LYS D 151 -17.09 -3.08 -27.97
C LYS D 151 -17.60 -1.99 -27.05
N THR D 152 -17.24 -0.76 -27.40
CA THR D 152 -17.67 0.43 -26.71
C THR D 152 -18.56 1.21 -27.70
N PRO D 153 -19.86 1.23 -27.45
CA PRO D 153 -20.74 2.00 -28.33
C PRO D 153 -20.33 3.48 -28.33
N LYS D 154 -20.71 4.22 -29.38
CA LYS D 154 -20.41 5.64 -29.43
C LYS D 154 -20.96 6.37 -28.20
N LYS D 155 -20.29 7.46 -27.84
CA LYS D 155 -20.67 8.30 -26.71
C LYS D 155 -22.18 8.47 -26.57
N GLU D 156 -22.82 9.01 -27.61
CA GLU D 156 -24.28 9.27 -27.59
C GLU D 156 -25.17 8.04 -27.37
N GLU D 157 -24.72 6.87 -27.82
CA GLU D 157 -25.48 5.63 -27.61
C GLU D 157 -25.38 5.24 -26.14
N ILE D 158 -24.22 5.48 -25.52
CA ILE D 158 -24.02 5.19 -24.10
C ILE D 158 -24.97 6.06 -23.27
N VAL D 159 -24.98 7.35 -23.58
CA VAL D 159 -25.83 8.28 -22.88
C VAL D 159 -27.30 7.86 -23.03
N SER D 160 -27.70 7.46 -24.23
CA SER D 160 -29.11 7.07 -24.50
C SER D 160 -29.57 5.84 -23.71
N ARG D 161 -28.68 4.88 -23.53
CA ARG D 161 -29.02 3.71 -22.75
C ARG D 161 -29.18 4.15 -21.30
N LEU D 162 -28.30 5.02 -20.84
CA LEU D 162 -28.40 5.51 -19.48
C LEU D 162 -29.71 6.30 -19.28
N CYS D 163 -30.08 7.16 -20.23
CA CYS D 163 -31.35 7.91 -20.13
C CYS D 163 -32.53 6.93 -20.14
N ARG D 164 -32.51 5.99 -21.10
CA ARG D 164 -33.53 4.96 -21.18
C ARG D 164 -33.66 4.18 -19.87
N MET D 165 -32.54 3.86 -19.23
CA MET D 165 -32.57 3.19 -17.93
C MET D 165 -33.31 4.04 -16.90
N GLN D 166 -33.04 5.34 -16.98
CA GLN D 166 -33.60 6.35 -16.10
C GLN D 166 -35.12 6.46 -16.34
N GLU D 167 -35.53 6.44 -17.60
CA GLU D 167 -36.95 6.50 -17.98
C GLU D 167 -37.72 5.29 -17.43
N LEU D 168 -37.05 4.14 -17.39
CA LEU D 168 -37.64 2.90 -16.87
C LEU D 168 -37.68 2.84 -15.34
N GLY D 169 -37.26 3.91 -14.67
CA GLY D 169 -37.35 3.95 -13.21
C GLY D 169 -36.19 3.38 -12.42
N ALA D 170 -35.04 3.20 -13.06
CA ALA D 170 -33.88 2.71 -12.36
C ALA D 170 -33.51 3.72 -11.29
N ASP D 171 -33.12 3.22 -10.13
CA ASP D 171 -32.61 4.07 -9.08
C ASP D 171 -31.15 4.32 -9.41
N LEU D 172 -30.51 3.36 -10.06
CA LEU D 172 -29.09 3.48 -10.43
C LEU D 172 -28.84 2.82 -11.78
N PRO D 173 -28.78 3.61 -12.86
CA PRO D 173 -28.50 3.04 -14.17
C PRO D 173 -27.06 2.55 -14.17
N LYS D 174 -26.81 1.42 -14.84
CA LYS D 174 -25.47 0.83 -14.86
C LYS D 174 -25.08 0.35 -16.23
N ILE D 175 -23.89 0.75 -16.66
CA ILE D 175 -23.37 0.30 -17.92
C ILE D 175 -21.89 -0.09 -17.83
N ALA D 176 -21.55 -1.20 -18.47
CA ALA D 176 -20.18 -1.69 -18.55
C ALA D 176 -19.96 -1.97 -20.04
N VAL D 177 -18.82 -1.53 -20.54
CA VAL D 177 -18.47 -1.66 -21.95
C VAL D 177 -17.04 -2.13 -22.09
N MET D 178 -16.72 -2.71 -23.24
CA MET D 178 -15.38 -3.24 -23.48
C MET D 178 -14.61 -2.37 -24.45
N PRO D 179 -13.43 -1.86 -24.03
CA PRO D 179 -12.62 -1.05 -24.96
C PRO D 179 -11.86 -1.93 -25.93
N GLN D 180 -11.72 -1.46 -27.18
CA GLN D 180 -10.93 -2.14 -28.21
C GLN D 180 -9.63 -1.37 -28.43
N ASN D 181 -9.52 -0.21 -27.77
CA ASN D 181 -8.37 0.66 -27.88
C ASN D 181 -8.48 1.67 -26.76
N GLU D 182 -7.44 2.49 -26.58
CA GLU D 182 -7.41 3.45 -25.46
C GLU D 182 -8.45 4.52 -25.59
N LYS D 183 -8.70 4.96 -26.81
CA LYS D 183 -9.68 6.02 -27.05
C LYS D 183 -11.04 5.56 -26.54
N ASP D 184 -11.36 4.28 -26.73
CA ASP D 184 -12.63 3.74 -26.23
C ASP D 184 -12.80 3.96 -24.73
N VAL D 185 -11.70 3.94 -23.99
CA VAL D 185 -11.76 4.13 -22.54
C VAL D 185 -12.18 5.57 -22.23
N LEU D 186 -11.63 6.53 -22.98
CA LEU D 186 -11.95 7.95 -22.79
C LEU D 186 -13.39 8.24 -23.23
N VAL D 187 -13.88 7.50 -24.23
CA VAL D 187 -15.28 7.62 -24.68
C VAL D 187 -16.23 7.24 -23.53
N LEU D 188 -15.89 6.19 -22.77
CA LEU D 188 -16.72 5.76 -21.63
C LEU D 188 -16.72 6.88 -20.60
N LEU D 189 -15.54 7.42 -20.33
CA LEU D 189 -15.40 8.50 -19.35
C LEU D 189 -16.15 9.76 -19.78
N GLU D 190 -16.00 10.14 -21.04
CA GLU D 190 -16.70 11.31 -21.57
C GLU D 190 -18.23 11.10 -21.50
N ALA D 191 -18.72 9.95 -21.92
CA ALA D 191 -20.15 9.67 -21.86
C ALA D 191 -20.65 9.72 -20.42
N THR D 192 -19.81 9.26 -19.49
CA THR D 192 -20.15 9.24 -18.07
C THR D 192 -20.36 10.64 -17.54
N ASN D 193 -19.43 11.52 -17.84
CA ASN D 193 -19.49 12.87 -17.33
C ASN D 193 -20.59 13.71 -17.96
N GLU D 194 -20.87 13.50 -19.24
CA GLU D 194 -21.94 14.26 -19.88
C GLU D 194 -23.27 13.83 -19.31
N MET D 195 -23.45 12.54 -19.12
CA MET D 195 -24.68 12.07 -18.51
C MET D 195 -24.77 12.67 -17.11
N PHE D 196 -23.66 12.64 -16.36
CA PHE D 196 -23.63 13.13 -14.97
C PHE D 196 -24.02 14.61 -14.79
N LYS D 197 -23.51 15.48 -15.64
CA LYS D 197 -23.78 16.91 -15.45
C LYS D 197 -24.88 17.53 -16.32
N ILE D 198 -25.39 16.77 -17.30
CA ILE D 198 -26.43 17.26 -18.17
C ILE D 198 -27.80 16.60 -17.96
N TYR D 199 -27.83 15.27 -18.09
CA TYR D 199 -29.07 14.48 -18.05
C TYR D 199 -29.43 13.69 -16.79
N ALA D 200 -28.45 13.26 -16.04
CA ALA D 200 -28.71 12.43 -14.88
C ALA D 200 -29.60 13.06 -13.80
N ASP D 201 -30.57 12.32 -13.29
N ASP D 201 -30.57 12.28 -13.34
CA ASP D 201 -31.41 12.81 -12.21
CA ASP D 201 -31.52 12.66 -12.30
C ASP D 201 -31.11 12.03 -10.93
C ASP D 201 -31.15 11.98 -10.97
N ARG D 202 -30.18 11.08 -11.03
CA ARG D 202 -29.79 10.26 -9.90
C ARG D 202 -28.37 9.75 -10.13
N PRO D 203 -27.83 8.97 -9.19
CA PRO D 203 -26.48 8.47 -9.41
C PRO D 203 -26.44 7.40 -10.51
N ILE D 204 -25.28 7.27 -11.16
CA ILE D 204 -25.10 6.32 -12.26
C ILE D 204 -23.86 5.52 -12.02
N ILE D 205 -23.81 4.34 -12.62
CA ILE D 205 -22.67 3.45 -12.47
C ILE D 205 -22.11 3.13 -13.83
N THR D 206 -20.84 3.41 -14.05
CA THR D 206 -20.23 3.10 -15.36
C THR D 206 -18.82 2.53 -15.23
N MET D 207 -18.40 1.78 -16.23
CA MET D 207 -17.06 1.24 -16.22
C MET D 207 -16.61 0.74 -17.58
N SER D 208 -15.32 0.93 -17.87
CA SER D 208 -14.71 0.39 -19.06
C SER D 208 -14.04 -0.87 -18.53
N MET D 209 -14.35 -2.02 -19.12
CA MET D 209 -13.81 -3.30 -18.66
C MET D 209 -12.36 -3.56 -19.14
N SER D 210 -11.74 -4.60 -18.57
CA SER D 210 -10.36 -5.06 -18.89
C SER D 210 -9.28 -4.21 -18.22
N GLY D 211 -8.03 -4.66 -18.34
CA GLY D 211 -6.87 -3.96 -17.79
C GLY D 211 -6.79 -2.53 -18.27
N MET D 212 -6.96 -2.36 -19.58
CA MET D 212 -6.92 -1.07 -20.24
C MET D 212 -7.93 -0.04 -19.74
N GLY D 213 -9.09 -0.50 -19.27
CA GLY D 213 -10.11 0.39 -18.76
C GLY D 213 -10.16 0.55 -17.25
N VAL D 214 -9.25 -0.13 -16.53
CA VAL D 214 -9.20 -0.09 -15.06
C VAL D 214 -9.27 1.33 -14.45
N ILE D 215 -8.74 2.32 -15.16
CA ILE D 215 -8.76 3.67 -14.65
C ILE D 215 -10.22 4.11 -14.46
N SER D 216 -11.13 3.51 -15.21
CA SER D 216 -12.54 3.88 -15.09
C SER D 216 -13.14 3.44 -13.76
N ARG D 217 -12.47 2.54 -13.06
CA ARG D 217 -12.93 2.05 -11.79
C ARG D 217 -12.36 2.86 -10.65
N LEU D 218 -11.40 3.73 -10.95
CA LEU D 218 -10.73 4.52 -9.92
C LEU D 218 -11.20 5.98 -9.82
N CYS D 219 -11.59 6.57 -10.94
CA CYS D 219 -11.92 7.99 -10.98
C CYS D 219 -13.41 8.36 -11.08
N GLY D 220 -14.27 7.62 -10.42
CA GLY D 220 -15.69 7.92 -10.47
C GLY D 220 -16.07 9.26 -9.82
N GLU D 221 -15.26 9.72 -8.87
CA GLU D 221 -15.57 10.96 -8.20
C GLU D 221 -15.40 12.14 -9.15
N ILE D 222 -14.35 12.10 -9.98
CA ILE D 222 -14.11 13.18 -10.93
C ILE D 222 -15.08 13.11 -12.11
N PHE D 223 -15.24 11.93 -12.73
CA PHE D 223 -16.06 11.77 -13.94
C PHE D 223 -17.56 11.43 -13.75
N GLY D 224 -17.97 10.96 -12.58
CA GLY D 224 -19.39 10.73 -12.33
C GLY D 224 -19.93 9.37 -11.89
N SER D 225 -19.12 8.32 -11.94
CA SER D 225 -19.58 6.98 -11.54
C SER D 225 -19.65 6.90 -10.02
N ALA D 226 -20.82 6.55 -9.51
CA ALA D 226 -21.08 6.53 -8.07
C ALA D 226 -20.71 5.25 -7.39
N LEU D 227 -20.51 4.20 -8.16
CA LEU D 227 -20.15 2.92 -7.60
C LEU D 227 -19.11 2.23 -8.47
N THR D 228 -18.24 1.46 -7.83
CA THR D 228 -17.19 0.73 -8.51
C THR D 228 -17.10 -0.64 -7.87
N PHE D 229 -16.86 -1.67 -8.68
CA PHE D 229 -16.80 -3.05 -8.17
C PHE D 229 -15.38 -3.49 -7.98
N GLY D 230 -15.07 -4.10 -6.83
CA GLY D 230 -13.73 -4.60 -6.53
C GLY D 230 -13.79 -6.10 -6.26
N ALA D 231 -12.70 -6.80 -6.55
CA ALA D 231 -12.69 -8.26 -6.35
C ALA D 231 -12.20 -8.63 -4.96
N ALA D 232 -12.72 -9.72 -4.42
CA ALA D 232 -12.30 -10.21 -3.10
C ALA D 232 -11.14 -11.19 -3.27
N LYS D 233 -11.44 -12.34 -3.87
CA LYS D 233 -10.47 -13.41 -4.12
C LYS D 233 -10.38 -13.74 -5.62
N SER D 234 -11.44 -13.39 -6.37
CA SER D 234 -11.54 -13.63 -7.82
C SER D 234 -12.57 -12.66 -8.46
N VAL D 235 -12.32 -12.26 -9.71
CA VAL D 235 -13.17 -11.29 -10.41
C VAL D 235 -14.52 -11.84 -10.91
N SER D 236 -15.53 -10.97 -10.92
CA SER D 236 -16.87 -11.30 -11.45
C SER D 236 -17.06 -10.60 -12.82
N ALA D 237 -16.05 -9.81 -13.21
CA ALA D 237 -16.02 -9.10 -14.51
C ALA D 237 -14.55 -8.76 -14.82
N PRO D 238 -14.16 -8.79 -16.12
CA PRO D 238 -12.75 -8.47 -16.45
C PRO D 238 -12.36 -7.04 -16.08
N GLY D 239 -11.16 -6.88 -15.52
CA GLY D 239 -10.62 -5.58 -15.14
C GLY D 239 -10.78 -5.17 -13.69
N GLN D 240 -11.47 -5.99 -12.89
CA GLN D 240 -11.63 -5.69 -11.48
C GLN D 240 -10.30 -5.87 -10.74
N ILE D 241 -10.06 -5.01 -9.74
CA ILE D 241 -8.89 -5.11 -8.87
C ILE D 241 -9.36 -5.39 -7.45
N SER D 242 -8.42 -5.79 -6.58
CA SER D 242 -8.69 -6.10 -5.16
C SER D 242 -9.42 -4.98 -4.47
N PHE D 243 -10.51 -5.28 -3.76
CA PHE D 243 -11.30 -4.21 -3.13
C PHE D 243 -10.54 -3.42 -2.09
N LYS D 244 -9.58 -4.05 -1.43
CA LYS D 244 -8.81 -3.40 -0.38
C LYS D 244 -7.89 -2.34 -0.96
N GLU D 245 -7.32 -2.64 -2.11
CA GLU D 245 -6.44 -1.69 -2.80
C GLU D 245 -7.31 -0.56 -3.39
N LEU D 246 -8.48 -0.91 -3.90
CA LEU D 246 -9.38 0.06 -4.48
C LEU D 246 -9.81 1.11 -3.43
N ASN D 247 -10.06 0.66 -2.21
CA ASN D 247 -10.47 1.56 -1.15
C ASN D 247 -9.46 2.65 -0.84
N SER D 248 -8.18 2.29 -0.79
CA SER D 248 -7.16 3.28 -0.50
C SER D 248 -7.05 4.26 -1.68
N VAL D 249 -7.07 3.74 -2.90
CA VAL D 249 -6.96 4.59 -4.08
C VAL D 249 -8.08 5.61 -4.12
N LEU D 250 -9.30 5.18 -3.80
CA LEU D 250 -10.44 6.08 -3.82
C LEU D 250 -10.34 7.10 -2.67
N ASN D 251 -9.87 6.66 -1.50
CA ASN D 251 -9.72 7.59 -0.37
C ASN D 251 -8.66 8.62 -0.67
N LEU D 252 -7.59 8.19 -1.33
CA LEU D 252 -6.51 9.07 -1.75
C LEU D 252 -6.99 10.18 -2.68
N LEU D 253 -7.74 9.80 -3.72
CA LEU D 253 -8.24 10.78 -4.70
C LEU D 253 -9.38 11.64 -4.18
N HIS D 254 -10.02 11.22 -3.10
CA HIS D 254 -11.11 11.99 -2.54
C HIS D 254 -10.59 13.32 -1.98
N LYS D 255 -9.48 13.27 -1.23
CA LYS D 255 -8.92 14.49 -0.68
C LYS D 255 -8.30 15.43 -1.74
N SER D 256 -8.04 14.96 -2.97
CA SER D 256 -7.47 15.84 -4.00
C SER D 256 -8.44 16.98 -4.37
C1 DHS E . -2.68 3.22 23.06
C3 DHS E . -4.59 2.66 24.60
C4 DHS E . -5.33 3.89 24.05
C5 DHS E . -4.40 4.98 23.57
C6 DHS E . -3.43 4.40 22.54
C7 DHS E . -1.41 2.91 22.40
C2 DHS E . -3.19 2.47 24.05
O2 DHS E . -6.17 4.39 25.09
O3 DHS E . -5.06 6.05 22.88
O4 DHS E . -0.46 2.35 23.03
O5 DHS E . -1.28 3.24 21.20
C1 DHS F . 16.47 -17.37 1.94
C3 DHS F . 18.97 -17.61 1.69
C4 DHS F . 18.75 -17.38 0.20
C5 DHS F . 17.48 -18.01 -0.34
C6 DHS F . 16.24 -17.67 0.48
C7 DHS F . 15.27 -17.06 2.78
C2 DHS F . 17.69 -17.35 2.49
O2 DHS F . 19.81 -17.96 -0.53
O3 DHS F . 17.30 -17.56 -1.70
O4 DHS F . 15.00 -17.68 3.84
O5 DHS F . 14.52 -16.16 2.36
C1 DHS G . 5.67 18.95 -12.90
C3 DHS G . 7.55 19.48 -14.52
C4 DHS G . 8.48 19.63 -13.28
C5 DHS G . 7.74 20.05 -12.04
C6 DHS G . 6.65 19.04 -11.76
C7 DHS G . 4.29 18.55 -12.57
C2 DHS G . 6.09 19.19 -14.16
O2 DHS G . 9.48 20.61 -13.54
O3 DHS G . 8.61 20.13 -10.90
O4 DHS G . 3.31 18.97 -13.23
O5 DHS G . 4.10 17.80 -11.57
C1 DHS H . -19.36 -5.78 -12.83
C3 DHS H . -21.87 -5.67 -12.69
C4 DHS H . -21.77 -6.70 -11.56
C5 DHS H . -20.60 -7.66 -11.73
C6 DHS H . -19.31 -6.87 -11.79
C7 DHS H . -18.07 -5.27 -13.29
C2 DHS H . -20.50 -5.26 -13.24
O2 DHS H . -22.97 -7.45 -11.51
O3 DHS H . -20.52 -8.62 -10.66
O4 DHS H . -17.94 -4.87 -14.48
O5 DHS H . -17.11 -5.26 -12.47
#